data_8HBG
#
_entry.id   8HBG
#
_cell.length_a   1.00
_cell.length_b   1.00
_cell.length_c   1.00
_cell.angle_alpha   90.00
_cell.angle_beta   90.00
_cell.angle_gamma   90.00
#
_symmetry.space_group_name_H-M   'P 1'
#
loop_
_entity.id
_entity.type
_entity.pdbx_description
1 polymer 'VP1 of capsid protein'
2 polymer 'VP2 of capsid protein'
3 polymer 'VP3 of capsid protein'
4 polymer 'VP4 of capsid protein'
5 polymer 'M678F nab'
#
loop_
_entity_poly.entity_id
_entity_poly.type
_entity_poly.pdbx_seq_one_letter_code
_entity_poly.pdbx_strand_id
1 'polypeptide(L)'
;TTSAGESADPVTTTVENYGGETQVQRRHHTDVGFIMDRFVKINNTNPTHVIDLMQTHQHGLVGALLRAATYYFSDLEIVV
RHEGNLTWVPNGAPEAALSNAGNPTAYNKAPFTRLALPYTAPHRVLATVYNGTSKYSTTGERTRGDLGALAARVATQLPA
SFNFGAIRATDISELLVRMKRAELYCPRPLLAVEVTAQDRHKQKIIAPAKQ
;
A
2 'polypeptide(L)'
;DKKTEETTLLEDRTLTTRNGHTTSTTQSSVGVTYGYSTGEDHVSGPNTSGLETRVTQAERFFKKHLFNWTTDKPFGHLEK
LKLPTDHKGVYGHLVDSFAYMRNGWDVEVSAVGNQFNGGCLLVAMVPEWKKFTPREKYQLTLFPHQFISPRTNMTAHITV
PYLGVNRYDQYKKHKPWTLVVMVVSPLTTSSIGATEIKVYANIAPTHVHVAGELPSKE
;
B
3 'polypeptide(L)'
;GIVPVACSDGYGGLVTTDPKTADPVYGKVYNPPRTNYPGRFTNLLDVAEACPTFLCFDDGKPYVVTREDEQRLLAKFDVS
LAAKHMSNTYLSGIAQYYAQYSGTINLHFMFTGSTDSKARYMVAYVPPGVETPPDTPERAAHCIHAEWDTGLNSKFTFSI
PYVSAADYAYTASDVAETTNVQGWVCIYQITHGKAQNDTLVVSVSAGKDFELRLPIDPRTQ
;
C
4 'polypeptide(L)'
;GAGQSSPATGSQNQSGNTGSIINNYYMQQYQNSMDTQLGDNAISGGSNEGSTDTTSTHTTNTQNNDWFSKLASSAFSGLF
GALLA
;
D
5 'polypeptide(L)'
;QVQLQESGGGLVQAGGSLRLSCVYSGGAYSMGWYRQAPGKQRELVAAITDDGITNYRDTVKGRFTISRDNAKKAVYLQMN
SLKPEDTAVYHCNTVRRVATLSGSSSGSWGQGTQVTVSS
;
E
#
# COMPACT_ATOMS: atom_id res chain seq x y z
N THR A 1 4.20 50.36 5.24
CA THR A 1 3.36 49.22 5.60
C THR A 1 3.82 48.63 6.92
N THR A 2 2.88 48.28 7.78
CA THR A 2 3.17 47.69 9.08
C THR A 2 2.12 46.62 9.34
N SER A 3 2.52 45.54 10.00
CA SER A 3 1.59 44.45 10.28
C SER A 3 2.11 43.58 11.41
N ALA A 4 1.29 42.62 11.85
CA ALA A 4 1.70 41.68 12.90
C ALA A 4 2.39 40.52 12.21
N GLY A 5 3.72 40.49 12.35
CA GLY A 5 4.53 39.49 11.69
C GLY A 5 4.20 38.07 12.05
N GLU A 6 3.88 37.84 13.33
CA GLU A 6 3.65 36.49 13.81
C GLU A 6 2.39 35.87 13.23
N SER A 7 1.53 36.68 12.60
CA SER A 7 0.33 36.13 11.99
C SER A 7 0.67 35.27 10.78
N ALA A 8 1.87 35.45 10.23
CA ALA A 8 2.39 34.72 9.07
C ALA A 8 1.56 34.94 7.81
N ASP A 9 0.64 35.90 7.82
CA ASP A 9 -0.12 36.18 6.61
C ASP A 9 0.76 36.91 5.60
N PRO A 10 0.50 36.75 4.30
CA PRO A 10 1.38 37.39 3.31
C PRO A 10 1.15 38.89 3.27
N VAL A 11 2.24 39.64 3.09
CA VAL A 11 2.18 41.08 2.92
C VAL A 11 3.05 41.44 1.72
N THR A 12 2.44 42.02 0.70
CA THR A 12 3.14 42.41 -0.52
C THR A 12 2.91 43.90 -0.73
N THR A 13 3.80 44.71 -0.14
CA THR A 13 3.72 46.15 -0.32
C THR A 13 4.47 46.57 -1.58
N THR A 14 3.85 47.48 -2.32
CA THR A 14 4.35 47.91 -3.61
C THR A 14 5.03 49.27 -3.47
N VAL A 15 5.45 49.82 -4.61
CA VAL A 15 6.21 51.07 -4.58
C VAL A 15 5.33 52.28 -4.30
N GLU A 16 4.03 52.17 -4.54
CA GLU A 16 3.14 53.34 -4.36
C GLU A 16 3.16 53.83 -2.92
N ASN A 17 3.84 53.12 -2.03
CA ASN A 17 3.98 53.60 -0.66
C ASN A 17 4.74 54.92 -0.62
N TYR A 18 5.73 55.10 -1.49
CA TYR A 18 6.50 56.33 -1.50
C TYR A 18 6.57 56.98 -2.88
N GLY A 19 5.44 57.05 -3.57
CA GLY A 19 5.34 57.86 -4.77
C GLY A 19 5.61 57.15 -6.08
N GLY A 20 6.03 55.89 -6.04
CA GLY A 20 6.39 55.17 -7.25
C GLY A 20 5.18 54.80 -8.08
N GLU A 21 5.35 53.74 -8.89
CA GLU A 21 4.28 53.22 -9.72
C GLU A 21 4.64 51.82 -10.17
N THR A 22 3.79 50.85 -9.84
CA THR A 22 4.02 49.48 -10.25
C THR A 22 3.82 49.34 -11.76
N GLN A 23 4.76 48.65 -12.41
CA GLN A 23 4.75 48.45 -13.85
C GLN A 23 4.11 47.11 -14.18
N VAL A 24 3.86 46.87 -15.47
CA VAL A 24 3.28 45.61 -15.91
C VAL A 24 4.36 44.53 -15.89
N GLN A 25 3.93 43.29 -15.64
CA GLN A 25 4.84 42.16 -15.54
C GLN A 25 4.33 41.01 -16.39
N ARG A 26 5.26 40.28 -17.00
CA ARG A 26 4.96 39.11 -17.82
C ARG A 26 5.79 37.95 -17.30
N ARG A 27 5.12 36.91 -16.80
CA ARG A 27 5.79 35.81 -16.11
C ARG A 27 5.64 34.49 -16.84
N HIS A 28 5.83 34.50 -18.17
CA HIS A 28 5.71 33.25 -18.92
C HIS A 28 6.86 32.30 -18.59
N HIS A 29 8.07 32.81 -18.44
CA HIS A 29 9.24 31.96 -18.33
C HIS A 29 9.32 31.28 -16.97
N THR A 30 8.63 31.81 -15.97
CA THR A 30 8.58 31.15 -14.67
C THR A 30 7.27 30.42 -14.47
N ASP A 31 6.72 29.86 -15.53
CA ASP A 31 5.55 29.01 -15.43
C ASP A 31 6.01 27.57 -15.27
N VAL A 32 5.26 26.78 -14.48
CA VAL A 32 5.70 25.42 -14.18
C VAL A 32 5.65 24.55 -15.43
N GLY A 33 4.47 24.45 -16.04
CA GLY A 33 4.32 23.59 -17.21
C GLY A 33 5.22 23.97 -18.36
N PHE A 34 5.77 25.19 -18.32
CA PHE A 34 6.69 25.61 -19.37
C PHE A 34 8.13 25.33 -18.97
N ILE A 35 8.53 25.76 -17.76
CA ILE A 35 9.92 25.63 -17.36
C ILE A 35 10.31 24.17 -17.18
N MET A 36 9.34 23.30 -16.89
CA MET A 36 9.65 21.90 -16.68
C MET A 36 9.70 21.09 -17.98
N ASP A 37 9.34 21.68 -19.11
CA ASP A 37 9.18 20.95 -20.36
C ASP A 37 10.41 21.14 -21.25
N ARG A 38 11.48 20.43 -20.90
CA ARG A 38 12.70 20.44 -21.70
C ARG A 38 13.54 19.24 -21.33
N PHE A 39 14.35 18.77 -22.28
CA PHE A 39 15.09 17.54 -22.11
C PHE A 39 16.22 17.73 -21.11
N VAL A 40 16.44 16.71 -20.26
CA VAL A 40 17.59 16.67 -19.37
C VAL A 40 18.18 15.28 -19.41
N LYS A 41 19.51 15.21 -19.29
CA LYS A 41 20.21 13.95 -19.38
C LYS A 41 20.05 13.15 -18.10
N ILE A 42 20.15 11.82 -18.23
CA ILE A 42 20.21 10.91 -17.09
C ILE A 42 21.59 10.27 -17.10
N ASN A 43 22.31 10.36 -16.00
CA ASN A 43 23.68 9.88 -15.94
C ASN A 43 23.79 8.50 -15.32
N ASN A 44 22.68 7.81 -15.08
CA ASN A 44 22.69 6.43 -14.61
C ASN A 44 22.18 5.56 -15.75
N THR A 45 23.08 5.17 -16.65
CA THR A 45 22.72 4.37 -17.81
C THR A 45 23.40 3.02 -17.70
N ASN A 46 22.66 1.96 -18.00
CA ASN A 46 23.11 0.58 -17.88
C ASN A 46 22.49 -0.24 -19.01
N PRO A 47 22.84 -1.52 -19.15
CA PRO A 47 22.08 -2.37 -20.08
C PRO A 47 20.57 -2.34 -19.82
N THR A 48 20.17 -2.31 -18.55
CA THR A 48 18.77 -2.15 -18.18
C THR A 48 18.64 -0.93 -17.29
N HIS A 49 17.53 -0.20 -17.45
CA HIS A 49 17.33 1.03 -16.70
C HIS A 49 15.88 1.10 -16.24
N VAL A 50 15.67 1.64 -15.05
CA VAL A 50 14.33 1.90 -14.53
C VAL A 50 14.12 3.41 -14.54
N ILE A 51 13.23 3.88 -15.41
CA ILE A 51 13.09 5.32 -15.63
C ILE A 51 12.50 5.95 -14.38
N ASP A 52 13.36 6.61 -13.59
CA ASP A 52 12.94 7.25 -12.36
C ASP A 52 13.41 8.70 -12.46
N LEU A 53 12.46 9.63 -12.40
CA LEU A 53 12.81 11.03 -12.63
C LEU A 53 13.67 11.60 -11.51
N MET A 54 13.98 10.81 -10.48
CA MET A 54 14.87 11.28 -9.42
C MET A 54 16.32 10.94 -9.67
N GLN A 55 16.66 10.37 -10.83
CA GLN A 55 18.06 10.16 -11.18
C GLN A 55 18.65 11.35 -11.91
N THR A 56 17.84 12.35 -12.24
CA THR A 56 18.36 13.59 -12.77
C THR A 56 19.28 14.25 -11.75
N HIS A 57 20.25 15.02 -12.25
CA HIS A 57 21.20 15.66 -11.35
C HIS A 57 20.49 16.69 -10.48
N GLN A 58 20.87 16.73 -9.21
CA GLN A 58 20.16 17.57 -8.23
C GLN A 58 20.49 19.05 -8.39
N HIS A 59 21.17 19.44 -9.47
CA HIS A 59 21.55 20.83 -9.68
C HIS A 59 21.11 21.35 -11.03
N GLY A 60 20.80 20.47 -11.99
CA GLY A 60 20.30 20.93 -13.26
C GLY A 60 18.92 21.56 -13.14
N LEU A 61 18.52 22.25 -14.21
CA LEU A 61 17.30 23.05 -14.17
C LEU A 61 16.09 22.19 -13.80
N VAL A 62 15.75 21.24 -14.67
CA VAL A 62 14.57 20.42 -14.43
C VAL A 62 14.74 19.58 -13.17
N GLY A 63 15.92 19.02 -12.97
CA GLY A 63 16.14 18.20 -11.79
C GLY A 63 15.96 18.96 -10.50
N ALA A 64 16.69 20.07 -10.35
CA ALA A 64 16.65 20.80 -9.09
C ALA A 64 15.31 21.51 -8.90
N LEU A 65 14.60 21.78 -9.99
CA LEU A 65 13.24 22.32 -9.82
C LEU A 65 12.28 21.23 -9.38
N LEU A 66 12.48 20.01 -9.86
CA LEU A 66 11.63 18.90 -9.44
C LEU A 66 11.86 18.54 -7.99
N ARG A 67 13.11 18.61 -7.52
CA ARG A 67 13.38 18.34 -6.11
C ARG A 67 12.86 19.44 -5.20
N ALA A 68 12.32 20.52 -5.75
CA ALA A 68 11.76 21.59 -4.94
C ALA A 68 10.25 21.51 -4.82
N ALA A 69 9.65 20.37 -5.15
CA ALA A 69 8.23 20.14 -4.96
C ALA A 69 8.04 18.74 -4.39
N THR A 70 7.10 18.60 -3.46
CA THR A 70 6.92 17.31 -2.82
C THR A 70 6.20 16.32 -3.72
N TYR A 71 5.13 16.73 -4.37
CA TYR A 71 4.36 15.81 -5.21
C TYR A 71 4.35 16.31 -6.65
N TYR A 72 4.35 15.37 -7.60
CA TYR A 72 4.43 15.75 -8.99
C TYR A 72 3.74 14.72 -9.87
N PHE A 73 3.31 15.15 -11.04
CA PHE A 73 2.69 14.26 -12.03
C PHE A 73 2.96 14.80 -13.43
N SER A 74 3.32 13.91 -14.35
CA SER A 74 3.65 14.30 -15.71
C SER A 74 3.85 13.07 -16.57
N ASP A 75 3.38 13.16 -17.82
CA ASP A 75 3.74 12.15 -18.81
C ASP A 75 5.20 12.35 -19.20
N LEU A 76 5.76 11.44 -20.00
CA LEU A 76 7.18 11.50 -20.24
C LEU A 76 7.47 11.41 -21.74
N GLU A 77 8.65 11.88 -22.11
CA GLU A 77 9.22 11.69 -23.43
C GLU A 77 10.68 11.31 -23.24
N ILE A 78 11.14 10.29 -23.94
CA ILE A 78 12.51 9.82 -23.78
C ILE A 78 13.21 9.85 -25.12
N VAL A 79 14.52 10.11 -25.08
CA VAL A 79 15.41 9.99 -26.22
C VAL A 79 16.56 9.09 -25.82
N VAL A 80 16.67 7.94 -26.46
CA VAL A 80 17.66 6.93 -26.12
C VAL A 80 18.58 6.74 -27.31
N ARG A 81 19.87 6.60 -27.04
CA ARG A 81 20.86 6.26 -28.06
C ARG A 81 21.40 4.89 -27.71
N HIS A 82 21.05 3.89 -28.51
CA HIS A 82 21.30 2.50 -28.17
C HIS A 82 21.88 1.75 -29.36
N GLU A 83 22.36 0.55 -29.09
CA GLU A 83 22.70 -0.43 -30.11
C GLU A 83 21.81 -1.65 -29.92
N GLY A 84 21.10 -2.02 -30.97
CA GLY A 84 20.12 -3.08 -30.82
C GLY A 84 18.74 -2.51 -30.58
N ASN A 85 17.82 -3.40 -30.23
CA ASN A 85 16.42 -3.05 -30.07
C ASN A 85 16.15 -2.55 -28.66
N LEU A 86 15.23 -1.60 -28.54
CA LEU A 86 14.89 -0.99 -27.26
C LEU A 86 13.53 -1.49 -26.80
N THR A 87 13.49 -2.17 -25.66
CA THR A 87 12.26 -2.74 -25.15
C THR A 87 11.83 -2.00 -23.89
N TRP A 88 10.54 -1.66 -23.81
CA TRP A 88 10.02 -0.93 -22.68
C TRP A 88 8.93 -1.74 -21.98
N VAL A 89 8.88 -1.65 -20.66
CA VAL A 89 7.83 -2.29 -19.87
C VAL A 89 7.23 -1.28 -18.91
N PRO A 90 5.92 -1.33 -18.65
CA PRO A 90 5.30 -0.33 -17.80
C PRO A 90 5.65 -0.52 -16.34
N ASN A 91 5.01 0.29 -15.49
CA ASN A 91 5.26 0.24 -14.06
C ASN A 91 4.66 -1.01 -13.46
N GLY A 92 5.50 -1.99 -13.17
CA GLY A 92 5.09 -3.18 -12.48
C GLY A 92 5.29 -4.48 -13.23
N ALA A 93 5.88 -4.44 -14.40
CA ALA A 93 6.10 -5.68 -15.10
C ALA A 93 7.34 -6.39 -14.55
N PRO A 94 7.30 -7.72 -14.47
CA PRO A 94 8.49 -8.44 -14.00
C PRO A 94 9.68 -8.18 -14.89
N GLU A 95 10.88 -8.22 -14.28
CA GLU A 95 12.09 -7.89 -15.01
C GLU A 95 12.27 -8.76 -16.24
N ALA A 96 11.95 -10.05 -16.14
CA ALA A 96 12.09 -10.95 -17.29
C ALA A 96 11.30 -10.47 -18.50
N ALA A 97 10.18 -9.77 -18.28
CA ALA A 97 9.38 -9.30 -19.40
C ALA A 97 10.15 -8.34 -20.29
N LEU A 98 11.26 -7.78 -19.80
CA LEU A 98 12.07 -6.91 -20.63
C LEU A 98 12.79 -7.65 -21.74
N SER A 99 12.69 -8.98 -21.80
CA SER A 99 13.44 -9.75 -22.78
C SER A 99 12.61 -10.26 -23.93
N ASN A 100 11.36 -9.81 -24.10
CA ASN A 100 10.49 -10.27 -25.15
C ASN A 100 10.09 -9.13 -26.06
N ALA A 101 9.66 -9.46 -27.28
CA ALA A 101 9.31 -8.46 -28.28
C ALA A 101 7.83 -8.08 -28.26
N GLY A 102 7.02 -8.76 -27.45
CA GLY A 102 5.61 -8.39 -27.39
C GLY A 102 5.40 -7.03 -26.78
N ASN A 103 6.30 -6.60 -25.90
CA ASN A 103 6.27 -5.29 -25.30
C ASN A 103 6.68 -4.25 -26.33
N PRO A 104 6.43 -2.96 -26.07
CA PRO A 104 6.86 -1.93 -27.02
C PRO A 104 8.35 -2.03 -27.28
N THR A 105 8.69 -2.43 -28.51
CA THR A 105 10.07 -2.61 -28.94
C THR A 105 10.32 -1.73 -30.15
N ALA A 106 11.27 -0.82 -30.01
CA ALA A 106 11.68 0.05 -31.11
C ALA A 106 12.93 -0.53 -31.75
N TYR A 107 12.85 -0.81 -33.04
CA TYR A 107 14.03 -1.17 -33.80
C TYR A 107 14.81 0.08 -34.15
N ASN A 108 16.13 0.02 -34.02
CA ASN A 108 16.93 1.24 -34.04
C ASN A 108 16.95 1.86 -35.42
N LYS A 109 16.83 3.20 -35.44
CA LYS A 109 17.07 3.99 -36.63
C LYS A 109 18.45 4.61 -36.46
N ALA A 110 18.96 5.25 -37.51
CA ALA A 110 20.34 5.73 -37.52
C ALA A 110 20.67 6.63 -36.33
N PRO A 111 20.04 7.82 -36.17
CA PRO A 111 20.51 8.73 -35.12
C PRO A 111 20.25 8.23 -33.69
N PHE A 112 18.98 7.98 -33.36
CA PHE A 112 18.56 7.60 -32.02
C PHE A 112 17.07 7.33 -32.04
N THR A 113 16.52 6.96 -30.89
CA THR A 113 15.13 6.59 -30.75
C THR A 113 14.41 7.54 -29.81
N ARG A 114 13.35 8.17 -30.28
CA ARG A 114 12.61 9.16 -29.51
C ARG A 114 11.17 8.68 -29.31
N LEU A 115 10.82 8.34 -28.07
CA LEU A 115 9.52 7.77 -27.76
C LEU A 115 8.78 8.68 -26.79
N ALA A 116 7.46 8.50 -26.74
CA ALA A 116 6.59 9.20 -25.81
C ALA A 116 5.91 8.17 -24.91
N LEU A 117 6.04 8.32 -23.60
CA LEU A 117 5.53 7.37 -22.64
C LEU A 117 4.44 8.00 -21.78
N PRO A 118 3.40 7.24 -21.46
CA PRO A 118 2.35 7.74 -20.58
C PRO A 118 2.66 7.44 -19.13
N TYR A 119 2.03 8.21 -18.25
CA TYR A 119 2.15 8.01 -16.82
C TYR A 119 1.46 6.72 -16.42
N THR A 120 2.23 5.77 -15.89
CA THR A 120 1.74 4.42 -15.66
C THR A 120 1.72 4.01 -14.20
N ALA A 121 2.20 4.85 -13.28
CA ALA A 121 2.23 4.48 -11.89
C ALA A 121 0.82 4.31 -11.34
N PRO A 122 0.64 3.49 -10.31
CA PRO A 122 -0.69 3.31 -9.72
C PRO A 122 -1.09 4.37 -8.72
N HIS A 123 -0.15 5.17 -8.21
CA HIS A 123 -0.46 6.24 -7.28
C HIS A 123 -0.97 7.45 -8.03
N ARG A 124 -1.89 8.19 -7.40
CA ARG A 124 -2.48 9.33 -8.08
C ARG A 124 -1.45 10.40 -8.39
N VAL A 125 -0.54 10.68 -7.45
CA VAL A 125 0.59 11.56 -7.68
C VAL A 125 1.83 10.94 -7.03
N LEU A 126 2.96 11.09 -7.70
CA LEU A 126 4.22 10.57 -7.20
C LEU A 126 4.80 11.54 -6.18
N ALA A 127 5.94 11.18 -5.60
CA ALA A 127 6.58 11.99 -4.58
C ALA A 127 8.09 11.93 -4.75
N THR A 128 8.74 13.01 -4.34
CA THR A 128 10.19 13.07 -4.35
C THR A 128 10.80 12.76 -2.98
N VAL A 129 10.02 12.88 -1.91
CA VAL A 129 10.47 12.50 -0.58
C VAL A 129 9.37 11.67 0.05
N TYR A 130 9.74 10.52 0.62
CA TYR A 130 8.78 9.60 1.21
C TYR A 130 9.24 9.31 2.63
N ASN A 131 8.40 9.67 3.60
CA ASN A 131 8.71 9.52 5.01
C ASN A 131 8.18 8.18 5.51
N GLY A 132 9.08 7.21 5.57
CA GLY A 132 8.73 5.88 6.05
C GLY A 132 9.24 4.84 5.09
N THR A 133 8.82 3.60 5.33
CA THR A 133 9.21 2.46 4.53
C THR A 133 8.00 1.84 3.84
N SER A 134 8.27 0.90 2.93
CA SER A 134 7.22 0.22 2.18
C SER A 134 7.33 -1.30 2.24
N LYS A 135 8.29 -1.83 3.00
CA LYS A 135 8.46 -3.26 3.14
C LYS A 135 7.96 -3.70 4.51
N TYR A 136 7.57 -4.97 4.60
CA TYR A 136 7.04 -5.53 5.85
C TYR A 136 8.16 -6.05 6.74
N THR A 156 18.08 8.04 2.05
CA THR A 156 17.30 6.81 1.98
C THR A 156 16.88 6.51 0.55
N GLN A 157 15.68 5.94 0.39
CA GLN A 157 15.18 5.58 -0.92
C GLN A 157 13.65 5.62 -0.92
N LEU A 158 13.10 6.03 -2.05
CA LEU A 158 11.66 6.00 -2.25
C LEU A 158 11.20 4.58 -2.54
N PRO A 159 9.90 4.30 -2.43
CA PRO A 159 9.43 2.94 -2.71
C PRO A 159 9.73 2.51 -4.13
N ALA A 160 9.57 1.21 -4.38
CA ALA A 160 9.87 0.67 -5.70
C ALA A 160 8.84 1.07 -6.73
N SER A 161 7.69 1.58 -6.30
CA SER A 161 6.63 1.88 -7.26
C SER A 161 6.61 3.33 -7.70
N PHE A 162 7.68 4.09 -7.44
CA PHE A 162 7.78 5.47 -7.93
C PHE A 162 8.67 5.50 -9.16
N ASN A 163 8.11 5.11 -10.30
CA ASN A 163 8.86 5.14 -11.54
C ASN A 163 7.90 5.14 -12.73
N PHE A 164 8.48 5.25 -13.92
CA PHE A 164 7.72 5.36 -15.17
C PHE A 164 7.95 4.17 -16.08
N GLY A 165 8.39 3.05 -15.53
CA GLY A 165 8.65 1.86 -16.33
C GLY A 165 10.12 1.52 -16.38
N ALA A 166 10.47 0.71 -17.37
CA ALA A 166 11.86 0.29 -17.54
C ALA A 166 12.16 0.11 -19.00
N ILE A 167 13.41 0.36 -19.37
CA ILE A 167 13.89 0.21 -20.73
C ILE A 167 15.08 -0.73 -20.71
N ARG A 168 15.26 -1.46 -21.80
CA ARG A 168 16.39 -2.37 -21.92
C ARG A 168 16.87 -2.42 -23.36
N ALA A 169 18.19 -2.42 -23.51
CA ALA A 169 18.84 -2.54 -24.81
C ALA A 169 20.17 -3.24 -24.58
N THR A 170 20.87 -3.54 -25.68
CA THR A 170 22.16 -4.21 -25.55
C THR A 170 23.15 -3.33 -24.80
N ASP A 171 23.15 -2.04 -25.09
CA ASP A 171 23.93 -1.07 -24.31
C ASP A 171 23.38 0.33 -24.61
N ILE A 172 22.88 0.99 -23.57
CA ILE A 172 22.37 2.35 -23.70
C ILE A 172 23.53 3.31 -23.56
N SER A 173 23.63 4.29 -24.46
CA SER A 173 24.73 5.25 -24.40
C SER A 173 24.27 6.57 -23.78
N GLU A 174 23.12 7.07 -24.18
CA GLU A 174 22.62 8.34 -23.68
C GLU A 174 21.11 8.27 -23.55
N LEU A 175 20.59 8.79 -22.44
CA LEU A 175 19.16 8.84 -22.19
C LEU A 175 18.78 10.25 -21.75
N LEU A 176 17.76 10.81 -22.40
CA LEU A 176 17.23 12.12 -22.06
C LEU A 176 15.76 12.00 -21.76
N VAL A 177 15.30 12.71 -20.74
CA VAL A 177 13.90 12.67 -20.34
C VAL A 177 13.30 14.06 -20.44
N ARG A 178 11.99 14.10 -20.62
CA ARG A 178 11.23 15.34 -20.76
C ARG A 178 9.87 15.15 -20.12
N MET A 179 9.48 16.07 -19.24
CA MET A 179 8.21 15.97 -18.53
C MET A 179 7.14 16.78 -19.27
N LYS A 180 6.10 16.10 -19.74
CA LYS A 180 4.98 16.75 -20.40
C LYS A 180 3.80 16.86 -19.43
N ARG A 181 3.08 17.97 -19.52
CA ARG A 181 1.91 18.25 -18.68
C ARG A 181 2.27 18.27 -17.20
N ALA A 182 3.39 18.88 -16.85
CA ALA A 182 3.88 18.84 -15.48
C ALA A 182 2.90 19.49 -14.52
N GLU A 183 2.74 18.89 -13.34
CA GLU A 183 1.93 19.43 -12.26
C GLU A 183 2.66 19.19 -10.96
N LEU A 184 2.93 20.26 -10.22
CA LEU A 184 3.70 20.20 -8.98
C LEU A 184 2.86 20.65 -7.80
N TYR A 185 3.13 20.06 -6.63
CA TYR A 185 2.41 20.33 -5.40
C TYR A 185 3.37 20.36 -4.23
N CYS A 186 3.04 21.23 -3.25
CA CYS A 186 3.69 21.28 -1.94
C CYS A 186 5.17 21.60 -2.01
N PRO A 187 5.54 22.85 -2.28
CA PRO A 187 6.96 23.19 -2.51
C PRO A 187 7.85 22.88 -1.31
N ARG A 188 9.15 22.83 -1.57
CA ARG A 188 10.18 22.50 -0.62
C ARG A 188 11.34 23.46 -0.79
N PRO A 189 12.29 23.49 0.15
CA PRO A 189 13.41 24.42 0.04
C PRO A 189 14.25 24.18 -1.21
N LEU A 190 14.61 25.28 -1.88
CA LEU A 190 15.46 25.25 -3.07
C LEU A 190 16.66 26.15 -2.80
N LEU A 191 17.85 25.63 -3.06
CA LEU A 191 19.09 26.29 -2.66
C LEU A 191 19.85 26.85 -3.85
N ALA A 192 20.76 27.76 -3.56
CA ALA A 192 21.70 28.32 -4.52
C ALA A 192 23.12 28.11 -4.02
N VAL A 193 24.08 28.35 -4.92
CA VAL A 193 25.48 28.10 -4.58
C VAL A 193 25.95 29.12 -3.55
N GLU A 194 26.57 28.64 -2.48
CA GLU A 194 26.96 29.53 -1.39
C GLU A 194 28.15 30.39 -1.79
N VAL A 195 28.16 31.62 -1.30
CA VAL A 195 29.27 32.54 -1.52
C VAL A 195 30.21 32.36 -0.33
N THR A 196 31.49 32.12 -0.63
CA THR A 196 32.42 31.72 0.43
C THR A 196 32.83 32.90 1.29
N ALA A 197 33.52 33.87 0.70
CA ALA A 197 34.05 35.00 1.47
C ALA A 197 33.76 36.33 0.77
N GLN A 198 33.46 36.26 -0.52
CA GLN A 198 33.22 37.46 -1.29
C GLN A 198 32.00 38.21 -0.77
N ASP A 199 31.85 39.45 -1.23
CA ASP A 199 30.65 40.21 -0.93
C ASP A 199 29.48 39.77 -1.80
N ARG A 200 29.78 39.24 -2.99
CA ARG A 200 28.78 38.60 -3.84
C ARG A 200 29.47 37.63 -4.77
N HIS A 201 28.68 36.75 -5.37
CA HIS A 201 29.25 35.72 -6.24
C HIS A 201 29.66 36.32 -7.57
N LYS A 202 30.90 36.05 -7.97
CA LYS A 202 31.49 36.64 -9.17
C LYS A 202 31.95 35.54 -10.10
N GLN A 203 31.47 35.56 -11.34
CA GLN A 203 31.83 34.56 -12.32
C GLN A 203 31.87 35.18 -13.70
N LYS A 204 32.40 34.42 -14.66
CA LYS A 204 32.52 34.88 -16.04
C LYS A 204 31.13 35.01 -16.64
N ILE A 205 30.91 36.08 -17.39
CA ILE A 205 29.72 36.23 -18.22
C ILE A 205 30.18 36.36 -19.66
N ILE A 206 29.40 35.78 -20.59
CA ILE A 206 29.78 35.81 -21.99
C ILE A 206 29.94 37.26 -22.45
N ALA A 207 31.04 37.53 -23.14
CA ALA A 207 31.36 38.87 -23.60
C ALA A 207 31.98 38.75 -24.98
N PRO A 208 31.70 39.68 -25.88
CA PRO A 208 32.28 39.61 -27.23
C PRO A 208 33.79 39.55 -27.17
N ALA A 209 34.37 38.78 -28.10
CA ALA A 209 35.81 38.55 -28.09
C ALA A 209 36.55 39.82 -28.50
N LYS A 210 37.86 39.81 -28.28
CA LYS A 210 38.75 40.92 -28.65
C LYS A 210 38.32 42.23 -28.00
N ASP B 12 -10.14 41.50 21.17
CA ASP B 12 -10.21 40.93 19.82
C ASP B 12 -9.49 39.58 19.79
N ARG B 13 -8.30 39.53 20.36
CA ARG B 13 -7.46 38.34 20.29
C ARG B 13 -7.85 37.30 21.33
N THR B 14 -9.12 36.91 21.34
CA THR B 14 -9.63 35.84 22.19
C THR B 14 -10.18 34.76 21.29
N LEU B 15 -9.53 33.61 21.26
CA LEU B 15 -9.95 32.52 20.38
C LEU B 15 -10.32 31.31 21.23
N THR B 16 -11.27 30.53 20.72
CA THR B 16 -11.74 29.33 21.41
C THR B 16 -11.97 28.24 20.37
N THR B 17 -11.11 27.22 20.39
CA THR B 17 -11.21 26.10 19.48
C THR B 17 -11.84 24.93 20.19
N ARG B 18 -12.91 24.39 19.62
CA ARG B 18 -13.61 23.25 20.21
C ARG B 18 -13.55 22.08 19.24
N ASN B 19 -13.06 20.94 19.74
CA ASN B 19 -13.01 19.71 18.95
C ASN B 19 -13.66 18.62 19.78
N GLY B 20 -14.66 17.97 19.21
CA GLY B 20 -15.37 16.93 19.95
C GLY B 20 -16.00 17.50 21.19
N HIS B 21 -15.62 16.95 22.34
CA HIS B 21 -16.09 17.43 23.63
C HIS B 21 -14.99 18.10 24.44
N THR B 22 -13.96 18.60 23.76
CA THR B 22 -12.87 19.32 24.42
C THR B 22 -12.73 20.69 23.81
N THR B 23 -12.24 21.64 24.61
CA THR B 23 -12.08 23.01 24.14
C THR B 23 -10.65 23.48 24.41
N SER B 24 -10.36 24.69 23.94
CA SER B 24 -9.07 25.33 24.17
C SER B 24 -9.25 26.82 23.95
N THR B 25 -9.16 27.61 25.01
CA THR B 25 -9.30 29.06 24.94
C THR B 25 -7.93 29.71 25.09
N THR B 26 -7.69 30.75 24.29
CA THR B 26 -6.44 31.49 24.36
C THR B 26 -6.73 32.97 24.21
N GLN B 27 -6.12 33.79 25.06
CA GLN B 27 -6.33 35.23 25.07
C GLN B 27 -5.17 36.00 24.47
N SER B 28 -4.20 35.30 23.88
CA SER B 28 -3.05 35.93 23.22
C SER B 28 -2.83 35.26 21.87
N SER B 29 -3.91 35.09 21.12
CA SER B 29 -3.88 34.44 19.83
C SER B 29 -3.60 35.46 18.74
N VAL B 30 -3.19 34.98 17.58
CA VAL B 30 -2.87 35.86 16.45
C VAL B 30 -3.64 35.46 15.20
N GLY B 31 -4.36 34.34 15.24
CA GLY B 31 -5.12 33.87 14.10
C GLY B 31 -4.83 32.41 13.80
N VAL B 32 -5.66 31.85 12.92
CA VAL B 32 -5.53 30.47 12.49
C VAL B 32 -4.91 30.44 11.11
N THR B 33 -3.98 29.52 10.89
CA THR B 33 -3.29 29.42 9.61
C THR B 33 -3.67 28.11 8.91
N TYR B 34 -4.37 28.24 7.80
CA TYR B 34 -4.77 27.10 6.98
C TYR B 34 -3.64 26.78 6.02
N GLY B 35 -3.14 25.54 6.06
CA GLY B 35 -2.02 25.13 5.27
C GLY B 35 -2.44 24.27 4.10
N TYR B 36 -2.20 24.75 2.89
CA TYR B 36 -2.34 24.07 1.61
C TYR B 36 -3.79 23.89 1.20
N SER B 37 -4.77 24.17 2.04
CA SER B 37 -6.18 24.03 1.69
C SER B 37 -7.02 24.49 2.88
N THR B 38 -8.32 24.61 2.64
CA THR B 38 -9.26 24.98 3.68
C THR B 38 -10.17 23.82 4.08
N GLY B 39 -10.03 22.66 3.46
CA GLY B 39 -10.89 21.54 3.76
C GLY B 39 -10.44 20.29 3.03
N GLU B 40 -11.04 19.17 3.41
CA GLU B 40 -10.65 17.89 2.86
C GLU B 40 -11.12 17.73 1.42
N ASP B 41 -10.38 16.92 0.67
CA ASP B 41 -10.81 16.51 -0.65
C ASP B 41 -11.89 15.43 -0.54
N HIS B 42 -12.21 14.81 -1.67
CA HIS B 42 -13.22 13.76 -1.67
C HIS B 42 -12.73 12.56 -0.87
N VAL B 43 -13.48 12.20 0.17
CA VAL B 43 -13.02 11.16 1.08
C VAL B 43 -13.37 9.77 0.56
N SER B 44 -14.52 9.64 -0.11
CA SER B 44 -14.89 8.38 -0.71
C SER B 44 -14.25 8.26 -2.08
N GLY B 45 -13.58 7.14 -2.32
CA GLY B 45 -12.83 6.96 -3.53
C GLY B 45 -13.08 5.64 -4.20
N PRO B 46 -12.41 5.39 -5.33
CA PRO B 46 -12.59 4.12 -6.02
C PRO B 46 -11.77 2.99 -5.41
N ASN B 47 -10.77 3.32 -4.59
CA ASN B 47 -9.91 2.27 -4.05
C ASN B 47 -10.54 1.58 -2.86
N THR B 48 -11.17 2.35 -1.97
CA THR B 48 -11.71 1.77 -0.74
C THR B 48 -12.98 0.98 -0.97
N SER B 49 -13.58 1.08 -2.16
CA SER B 49 -14.78 0.33 -2.51
C SER B 49 -15.96 0.66 -1.59
N GLY B 50 -15.99 1.91 -1.13
CA GLY B 50 -17.08 2.39 -0.31
C GLY B 50 -17.30 1.66 0.99
N LEU B 51 -16.32 0.86 1.42
CA LEU B 51 -16.38 0.15 2.69
C LEU B 51 -15.71 0.94 3.80
N GLU B 52 -15.69 2.26 3.70
CA GLU B 52 -15.08 3.11 4.71
C GLU B 52 -16.14 3.72 5.60
N THR B 53 -15.75 4.04 6.83
CA THR B 53 -16.62 4.70 7.79
C THR B 53 -15.89 5.89 8.39
N ARG B 54 -16.61 6.65 9.22
CA ARG B 54 -16.04 7.79 9.91
C ARG B 54 -16.17 7.59 11.42
N VAL B 55 -15.12 7.89 12.15
CA VAL B 55 -15.12 7.77 13.60
C VAL B 55 -15.10 9.14 14.24
N THR B 56 -16.27 9.64 14.65
CA THR B 56 -16.34 10.95 15.28
C THR B 56 -15.76 10.93 16.68
N GLN B 57 -15.52 9.76 17.26
CA GLN B 57 -15.06 9.69 18.64
C GLN B 57 -13.58 9.98 18.76
N ALA B 58 -12.87 10.08 17.63
CA ALA B 58 -11.42 10.25 17.71
C ALA B 58 -11.02 11.71 17.65
N GLU B 59 -11.89 12.56 17.10
CA GLU B 59 -11.56 13.97 16.88
C GLU B 59 -11.60 14.73 18.20
N ARG B 60 -10.47 14.70 18.90
CA ARG B 60 -10.32 15.47 20.13
C ARG B 60 -8.84 15.67 20.43
N PHE B 61 -8.56 16.66 21.27
CA PHE B 61 -7.18 17.05 21.54
C PHE B 61 -6.45 15.98 22.32
N PHE B 62 -5.12 15.99 22.22
CA PHE B 62 -4.24 15.24 23.09
C PHE B 62 -2.92 16.00 23.22
N LYS B 63 -2.38 16.07 24.43
CA LYS B 63 -1.24 16.94 24.69
C LYS B 63 0.07 16.20 24.43
N LYS B 64 1.16 16.96 24.29
CA LYS B 64 2.49 16.41 24.10
C LYS B 64 3.51 17.46 24.49
N HIS B 65 4.74 17.02 24.73
CA HIS B 65 5.81 17.90 25.18
C HIS B 65 6.91 17.92 24.13
N LEU B 66 7.24 19.11 23.62
CA LEU B 66 8.19 19.22 22.51
C LEU B 66 9.62 19.42 23.00
N PHE B 67 9.88 20.52 23.70
CA PHE B 67 11.23 20.76 24.19
C PHE B 67 11.24 21.95 25.16
N ASN B 68 12.36 22.08 25.86
CA ASN B 68 12.59 23.18 26.78
C ASN B 68 13.41 24.25 26.09
N TRP B 69 12.78 25.36 25.74
CA TRP B 69 13.44 26.50 25.13
C TRP B 69 14.22 27.23 26.20
N THR B 70 15.52 26.97 26.27
CA THR B 70 16.42 27.66 27.17
C THR B 70 17.15 28.78 26.44
N THR B 71 18.15 29.37 27.09
CA THR B 71 18.92 30.46 26.50
C THR B 71 20.14 29.96 25.73
N ASP B 72 20.55 28.71 25.94
CA ASP B 72 21.76 28.20 25.31
C ASP B 72 21.54 27.76 23.86
N LYS B 73 20.30 27.53 23.46
CA LYS B 73 20.05 26.97 22.14
C LYS B 73 20.12 28.06 21.07
N PRO B 74 21.04 27.94 20.11
CA PRO B 74 21.22 29.02 19.12
C PRO B 74 20.23 28.93 17.97
N PHE B 75 20.42 29.77 16.96
CA PHE B 75 19.61 29.70 15.75
C PHE B 75 19.74 28.33 15.11
N GLY B 76 18.61 27.76 14.72
CA GLY B 76 18.63 26.52 13.98
C GLY B 76 18.38 25.27 14.79
N HIS B 77 18.03 25.38 16.07
CA HIS B 77 17.65 24.21 16.84
C HIS B 77 16.29 23.72 16.38
N LEU B 78 16.24 22.52 15.84
CA LEU B 78 15.06 21.99 15.18
C LEU B 78 14.51 20.82 15.99
N GLU B 79 13.27 20.94 16.46
CA GLU B 79 12.64 19.89 17.24
C GLU B 79 11.37 19.45 16.54
N LYS B 80 11.24 18.15 16.32
CA LYS B 80 10.18 17.61 15.49
C LYS B 80 9.26 16.68 16.27
N LEU B 81 8.16 16.31 15.60
CA LEU B 81 7.18 15.35 16.12
C LEU B 81 6.44 14.79 14.90
N LYS B 82 6.73 13.52 14.58
CA LYS B 82 6.17 12.90 13.39
C LYS B 82 4.75 12.42 13.67
N LEU B 83 3.79 12.99 13.00
CA LEU B 83 2.45 12.58 13.37
C LEU B 83 1.93 11.49 12.44
N PRO B 84 1.10 10.56 12.94
CA PRO B 84 0.63 10.47 14.32
C PRO B 84 1.64 9.77 15.22
N THR B 85 1.64 10.12 16.50
CA THR B 85 2.57 9.57 17.46
C THR B 85 1.91 8.44 18.25
N ASP B 86 2.62 7.92 19.23
CA ASP B 86 2.09 6.86 20.08
C ASP B 86 0.94 7.41 20.92
N HIS B 87 -0.28 7.03 20.56
CA HIS B 87 -1.49 7.55 21.16
C HIS B 87 -2.15 6.43 21.96
N LYS B 88 -2.73 6.77 23.10
CA LYS B 88 -3.33 5.76 23.98
C LYS B 88 -4.85 5.81 23.99
N GLY B 89 -5.47 6.85 23.43
CA GLY B 89 -6.89 7.05 23.51
C GLY B 89 -7.65 6.17 22.55
N VAL B 90 -8.63 6.77 21.88
CA VAL B 90 -9.41 6.05 20.88
C VAL B 90 -8.65 6.00 19.57
N TYR B 91 -7.86 7.04 19.30
CA TYR B 91 -7.04 7.05 18.09
C TYR B 91 -6.02 5.93 18.11
N GLY B 92 -5.45 5.65 19.29
CA GLY B 92 -4.50 4.55 19.39
C GLY B 92 -5.12 3.21 19.07
N HIS B 93 -6.37 3.01 19.48
CA HIS B 93 -7.05 1.77 19.15
C HIS B 93 -7.46 1.73 17.68
N LEU B 94 -7.79 2.88 17.11
CA LEU B 94 -8.16 2.92 15.70
C LEU B 94 -6.96 2.57 14.82
N VAL B 95 -5.77 3.03 15.21
CA VAL B 95 -4.58 2.71 14.43
C VAL B 95 -4.32 1.21 14.44
N ASP B 96 -4.64 0.54 15.54
CA ASP B 96 -4.33 -0.88 15.70
C ASP B 96 -5.48 -1.79 15.31
N SER B 97 -6.67 -1.26 15.05
CA SER B 97 -7.83 -2.09 14.76
C SER B 97 -8.28 -2.03 13.30
N PHE B 98 -8.03 -0.94 12.60
CA PHE B 98 -8.44 -0.79 11.21
C PHE B 98 -7.20 -0.62 10.34
N ALA B 99 -7.19 -1.29 9.20
CA ALA B 99 -5.98 -1.36 8.40
C ALA B 99 -5.62 -0.01 7.78
N TYR B 100 -6.59 0.72 7.26
CA TYR B 100 -6.31 1.97 6.56
C TYR B 100 -7.04 3.12 7.22
N MET B 101 -6.34 4.24 7.37
CA MET B 101 -6.88 5.43 8.02
C MET B 101 -6.59 6.65 7.18
N ARG B 102 -7.28 7.74 7.49
CA ARG B 102 -6.90 9.04 6.96
C ARG B 102 -7.53 10.14 7.81
N ASN B 103 -6.79 11.22 8.02
CA ASN B 103 -7.25 12.31 8.86
C ASN B 103 -6.33 13.51 8.66
N GLY B 104 -6.93 14.70 8.68
CA GLY B 104 -6.19 15.93 8.73
C GLY B 104 -5.88 16.32 10.16
N TRP B 105 -5.06 17.35 10.32
CA TRP B 105 -4.58 17.73 11.63
C TRP B 105 -4.94 19.16 11.97
N ASP B 106 -5.09 19.44 13.26
CA ASP B 106 -5.33 20.77 13.79
C ASP B 106 -4.40 20.92 15.00
N VAL B 107 -3.27 21.59 14.81
CA VAL B 107 -2.20 21.62 15.79
C VAL B 107 -2.12 23.01 16.40
N GLU B 108 -1.80 23.07 17.68
CA GLU B 108 -1.72 24.31 18.44
C GLU B 108 -0.60 24.19 19.46
N VAL B 109 0.41 25.05 19.33
CA VAL B 109 1.62 24.97 20.13
C VAL B 109 1.67 26.19 21.05
N SER B 110 1.96 25.97 22.33
CA SER B 110 2.00 27.03 23.32
C SER B 110 3.33 27.05 24.04
N ALA B 111 3.90 28.25 24.20
CA ALA B 111 5.17 28.46 24.89
C ALA B 111 5.03 29.73 25.73
N VAL B 112 4.64 29.56 26.98
CA VAL B 112 4.34 30.71 27.85
C VAL B 112 5.58 31.12 28.62
N GLY B 113 6.10 32.30 28.31
CA GLY B 113 7.06 32.96 29.16
C GLY B 113 6.35 34.13 29.82
N ASN B 114 6.85 35.34 29.61
CA ASN B 114 6.06 36.54 29.87
C ASN B 114 6.61 37.66 29.01
N GLN B 115 5.87 38.75 28.95
CA GLN B 115 6.08 39.76 27.92
C GLN B 115 7.46 40.43 28.01
N PHE B 116 8.28 40.10 28.99
CA PHE B 116 9.59 40.71 29.11
C PHE B 116 10.72 39.85 28.56
N ASN B 117 10.40 38.71 27.97
CA ASN B 117 11.39 37.91 27.28
C ASN B 117 11.57 38.42 25.86
N GLY B 118 12.51 37.81 25.14
CA GLY B 118 12.70 38.06 23.73
C GLY B 118 13.06 36.77 23.01
N GLY B 119 12.84 36.79 21.71
CA GLY B 119 13.12 35.64 20.88
C GLY B 119 11.94 35.30 19.99
N CYS B 120 12.16 34.29 19.15
CA CYS B 120 11.19 33.97 18.12
C CYS B 120 11.28 32.50 17.76
N LEU B 121 10.13 31.83 17.73
CA LEU B 121 10.02 30.45 17.31
C LEU B 121 9.26 30.37 16.00
N LEU B 122 9.79 29.61 15.06
CA LEU B 122 9.09 29.30 13.82
C LEU B 122 8.44 27.94 13.98
N VAL B 123 7.11 27.92 14.02
CA VAL B 123 6.34 26.69 14.20
C VAL B 123 5.70 26.34 12.87
N ALA B 124 6.08 25.21 12.29
CA ALA B 124 5.62 24.84 10.96
C ALA B 124 5.18 23.38 10.93
N MET B 125 4.46 23.03 9.87
CA MET B 125 4.05 21.66 9.62
C MET B 125 4.62 21.25 8.27
N VAL B 126 5.42 20.19 8.26
CA VAL B 126 6.19 19.78 7.09
C VAL B 126 5.64 18.46 6.59
N PRO B 127 5.30 18.33 5.31
CA PRO B 127 4.88 17.03 4.79
C PRO B 127 6.09 16.23 4.31
N GLU B 128 6.08 14.93 4.58
CA GLU B 128 7.13 14.02 4.14
C GLU B 128 8.50 14.50 4.62
N TRP B 129 8.66 14.44 5.94
CA TRP B 129 9.86 14.96 6.58
C TRP B 129 11.12 14.33 6.01
N LYS B 130 12.17 15.14 5.91
CA LYS B 130 13.49 14.69 5.50
C LYS B 130 14.52 15.62 6.12
N LYS B 131 15.56 15.03 6.70
CA LYS B 131 16.52 15.78 7.51
C LYS B 131 17.06 16.98 6.73
N PHE B 132 17.00 18.15 7.37
CA PHE B 132 17.37 19.40 6.73
C PHE B 132 18.84 19.72 6.96
N THR B 133 19.51 20.14 5.90
CA THR B 133 20.91 20.56 5.99
C THR B 133 20.96 21.97 6.60
N PRO B 134 22.11 22.34 7.18
CA PRO B 134 22.18 23.66 7.85
C PRO B 134 21.83 24.84 6.95
N ARG B 135 21.80 24.66 5.63
CA ARG B 135 21.47 25.76 4.76
C ARG B 135 19.98 25.84 4.46
N GLU B 136 19.33 24.70 4.24
CA GLU B 136 17.92 24.71 3.88
C GLU B 136 17.05 25.30 4.97
N LYS B 137 17.52 25.30 6.23
CA LYS B 137 16.71 25.82 7.32
C LYS B 137 16.37 27.29 7.14
N TYR B 138 17.08 28.01 6.28
CA TYR B 138 16.77 29.41 6.03
C TYR B 138 15.50 29.58 5.20
N GLN B 139 14.96 28.51 4.64
CA GLN B 139 13.76 28.59 3.82
C GLN B 139 12.62 27.76 4.39
N LEU B 140 12.75 27.30 5.63
CA LEU B 140 11.69 26.54 6.26
C LEU B 140 10.37 27.28 6.28
N THR B 141 10.37 28.58 5.99
CA THR B 141 9.14 29.36 5.94
C THR B 141 8.32 29.09 4.69
N LEU B 142 8.70 28.11 3.87
CA LEU B 142 7.86 27.74 2.73
C LEU B 142 6.65 26.91 3.12
N PHE B 143 6.61 26.38 4.33
CA PHE B 143 5.59 25.47 4.80
C PHE B 143 4.54 26.20 5.62
N PRO B 144 3.38 25.59 5.86
CA PRO B 144 2.38 26.21 6.75
C PRO B 144 2.97 26.48 8.11
N HIS B 145 3.05 27.74 8.50
CA HIS B 145 3.81 28.11 9.69
C HIS B 145 3.19 29.33 10.36
N GLN B 146 3.60 29.55 11.60
CA GLN B 146 3.38 30.79 12.32
C GLN B 146 4.61 31.05 13.17
N PHE B 147 4.60 32.19 13.86
CA PHE B 147 5.67 32.57 14.75
C PHE B 147 5.16 32.67 16.17
N ILE B 148 6.03 32.37 17.11
CA ILE B 148 5.74 32.52 18.54
C ILE B 148 6.78 33.46 19.10
N SER B 149 6.33 34.65 19.51
CA SER B 149 7.23 35.68 20.01
C SER B 149 6.66 36.18 21.34
N PRO B 150 7.33 35.95 22.46
CA PRO B 150 6.77 36.37 23.75
C PRO B 150 6.45 37.85 23.83
N ARG B 151 6.90 38.63 22.85
CA ARG B 151 6.49 40.02 22.78
C ARG B 151 5.02 40.18 22.39
N THR B 152 4.53 39.32 21.50
CA THR B 152 3.19 39.49 20.93
C THR B 152 2.23 38.39 21.30
N ASN B 153 2.58 37.13 21.09
CA ASN B 153 1.62 36.05 21.31
C ASN B 153 2.32 34.87 21.97
N MET B 154 1.51 33.92 22.42
CA MET B 154 2.00 32.71 23.07
C MET B 154 1.39 31.45 22.49
N THR B 155 0.75 31.52 21.32
CA THR B 155 0.02 30.40 20.76
C THR B 155 0.10 30.43 19.24
N ALA B 156 0.56 29.32 18.67
CA ALA B 156 0.55 29.13 17.22
C ALA B 156 -0.49 28.09 16.88
N HIS B 157 -1.27 28.35 15.83
CA HIS B 157 -2.43 27.53 15.51
C HIS B 157 -2.44 27.27 14.01
N ILE B 158 -2.05 26.06 13.62
CA ILE B 158 -2.01 25.66 12.22
C ILE B 158 -3.05 24.56 12.01
N THR B 159 -3.61 24.47 10.82
CA THR B 159 -4.53 23.40 10.49
C THR B 159 -4.32 22.97 9.05
N VAL B 160 -4.20 21.67 8.82
CA VAL B 160 -3.80 21.15 7.52
C VAL B 160 -4.62 19.93 7.14
N PRO B 161 -4.93 19.73 5.87
CA PRO B 161 -5.68 18.54 5.46
C PRO B 161 -4.78 17.33 5.34
N TYR B 162 -5.36 16.22 4.93
CA TYR B 162 -4.59 15.01 4.70
C TYR B 162 -4.12 14.97 3.26
N LEU B 163 -2.81 15.01 3.06
CA LEU B 163 -2.23 14.95 1.73
C LEU B 163 -1.22 13.81 1.67
N GLY B 164 -1.31 13.01 0.63
CA GLY B 164 -0.41 11.89 0.45
C GLY B 164 -0.58 11.29 -0.92
N VAL B 165 0.35 10.41 -1.27
CA VAL B 165 0.29 9.76 -2.58
C VAL B 165 -0.86 8.76 -2.64
N ASN B 166 -1.20 8.16 -1.50
CA ASN B 166 -2.34 7.25 -1.45
C ASN B 166 -3.51 7.94 -0.77
N ARG B 167 -4.73 7.62 -1.23
CA ARG B 167 -5.89 8.24 -0.62
C ARG B 167 -6.07 7.81 0.84
N TYR B 168 -5.82 6.54 1.15
CA TYR B 168 -5.79 6.06 2.52
C TYR B 168 -4.39 5.54 2.80
N ASP B 169 -3.94 5.70 4.04
CA ASP B 169 -2.56 5.36 4.38
C ASP B 169 -2.54 4.33 5.50
N GLN B 170 -1.36 3.76 5.73
CA GLN B 170 -1.12 2.83 6.83
C GLN B 170 -0.14 3.48 7.79
N TYR B 171 -0.65 4.07 8.87
CA TYR B 171 0.21 4.85 9.76
C TYR B 171 1.21 4.00 10.52
N LYS B 172 1.25 2.69 10.26
CA LYS B 172 2.33 1.88 10.82
C LYS B 172 3.60 2.02 10.00
N LYS B 173 3.48 2.42 8.74
CA LYS B 173 4.62 2.51 7.84
C LYS B 173 4.91 3.92 7.35
N HIS B 174 3.88 4.74 7.13
CA HIS B 174 4.07 6.04 6.51
C HIS B 174 3.39 7.11 7.34
N LYS B 175 4.17 8.08 7.80
CA LYS B 175 3.66 9.17 8.63
C LYS B 175 3.85 10.47 7.86
N PRO B 176 2.82 10.98 7.18
CA PRO B 176 3.04 12.12 6.28
C PRO B 176 3.49 13.39 6.98
N TRP B 177 2.73 13.86 7.96
CA TRP B 177 2.97 15.18 8.54
C TRP B 177 4.01 15.11 9.64
N THR B 178 4.68 16.24 9.86
CA THR B 178 5.64 16.37 10.95
C THR B 178 5.58 17.79 11.48
N LEU B 179 5.22 17.93 12.75
CA LEU B 179 5.27 19.23 13.40
C LEU B 179 6.71 19.57 13.70
N VAL B 180 7.10 20.82 13.47
CA VAL B 180 8.49 21.24 13.57
C VAL B 180 8.54 22.61 14.21
N VAL B 181 9.47 22.79 15.14
CA VAL B 181 9.71 24.08 15.79
C VAL B 181 11.19 24.41 15.70
N MET B 182 11.49 25.61 15.22
CA MET B 182 12.86 26.06 15.07
C MET B 182 13.05 27.36 15.83
N VAL B 183 14.22 27.52 16.44
CA VAL B 183 14.52 28.75 17.18
C VAL B 183 15.14 29.76 16.23
N VAL B 184 14.34 30.71 15.76
CA VAL B 184 14.80 31.71 14.80
C VAL B 184 15.65 32.77 15.46
N SER B 185 15.29 33.17 16.68
CA SER B 185 16.05 34.15 17.44
C SER B 185 16.13 33.63 18.87
N PRO B 186 17.32 33.47 19.43
CA PRO B 186 17.43 32.83 20.74
C PRO B 186 16.74 33.63 21.83
N LEU B 187 16.39 32.94 22.91
CA LEU B 187 15.69 33.58 24.01
C LEU B 187 16.62 34.52 24.76
N THR B 188 16.17 35.74 24.98
CA THR B 188 16.89 36.73 25.77
C THR B 188 16.06 37.12 26.98
N THR B 189 16.63 36.86 28.16
CA THR B 189 15.92 37.03 29.41
C THR B 189 16.45 38.24 30.15
N SER B 190 15.63 38.75 31.06
CA SER B 190 16.01 39.86 31.91
C SER B 190 15.74 39.45 33.36
N SER B 191 15.88 40.38 34.29
CA SER B 191 15.64 40.06 35.69
C SER B 191 14.16 39.85 35.97
N ILE B 192 13.30 40.19 35.01
CA ILE B 192 11.86 40.08 35.23
C ILE B 192 11.22 39.21 34.15
N GLY B 193 12.02 38.35 33.52
CA GLY B 193 11.50 37.44 32.52
C GLY B 193 11.75 36.00 32.93
N ALA B 194 11.03 35.10 32.28
CA ALA B 194 11.17 33.68 32.57
C ALA B 194 12.56 33.20 32.20
N THR B 195 13.11 32.31 33.01
CA THR B 195 14.48 31.86 32.79
C THR B 195 14.52 30.67 31.82
N GLU B 196 13.41 29.95 31.71
CA GLU B 196 13.26 28.91 30.71
C GLU B 196 11.81 28.86 30.28
N ILE B 197 11.57 28.38 29.06
CA ILE B 197 10.22 28.22 28.56
C ILE B 197 10.03 26.75 28.20
N LYS B 198 8.83 26.25 28.37
CA LYS B 198 8.53 24.85 28.06
C LYS B 198 7.46 24.81 26.98
N VAL B 199 7.81 24.25 25.83
CA VAL B 199 6.95 24.30 24.65
C VAL B 199 6.08 23.06 24.62
N TYR B 200 4.77 23.24 24.79
CA TYR B 200 3.83 22.14 24.78
C TYR B 200 3.00 22.18 23.50
N ALA B 201 2.54 21.02 23.08
CA ALA B 201 1.77 20.89 21.86
C ALA B 201 0.39 20.32 22.16
N ASN B 202 -0.57 20.67 21.32
CA ASN B 202 -1.97 20.31 21.52
C ASN B 202 -2.55 20.04 20.14
N ILE B 203 -2.69 18.78 19.79
CA ILE B 203 -3.02 18.37 18.43
C ILE B 203 -4.36 17.66 18.44
N ALA B 204 -5.14 17.83 17.37
CA ALA B 204 -6.44 17.19 17.26
C ALA B 204 -6.65 16.71 15.83
N PRO B 205 -6.90 15.42 15.61
CA PRO B 205 -7.23 14.97 14.26
C PRO B 205 -8.64 15.37 13.88
N THR B 206 -8.83 15.69 12.61
CA THR B 206 -10.15 16.02 12.06
C THR B 206 -10.42 15.17 10.82
N HIS B 207 -11.68 14.78 10.66
CA HIS B 207 -12.09 13.88 9.58
C HIS B 207 -11.36 12.56 9.66
N VAL B 208 -11.54 11.85 10.77
CA VAL B 208 -10.91 10.54 10.93
C VAL B 208 -11.76 9.50 10.21
N HIS B 209 -11.36 9.15 9.00
CA HIS B 209 -12.02 8.09 8.25
C HIS B 209 -11.17 6.82 8.36
N VAL B 210 -11.84 5.67 8.38
CA VAL B 210 -11.18 4.38 8.55
C VAL B 210 -11.77 3.37 7.58
N ALA B 211 -11.00 2.31 7.31
CA ALA B 211 -11.46 1.28 6.39
C ALA B 211 -10.65 0.01 6.59
N GLY B 212 -11.31 -1.13 6.39
CA GLY B 212 -10.65 -2.42 6.39
C GLY B 212 -10.31 -2.98 7.75
N GLU B 213 -11.32 -3.30 8.56
CA GLU B 213 -11.06 -3.73 9.93
C GLU B 213 -10.31 -5.05 9.96
N LEU B 214 -9.46 -5.19 10.98
CA LEU B 214 -8.50 -6.27 11.20
C LEU B 214 -9.01 -7.25 12.24
N PRO B 215 -8.53 -8.49 12.22
CA PRO B 215 -8.90 -9.44 13.27
C PRO B 215 -8.27 -9.07 14.61
N SER B 216 -8.86 -9.60 15.68
CA SER B 216 -8.45 -9.25 17.02
C SER B 216 -7.25 -10.09 17.46
N LYS B 217 -6.60 -9.61 18.52
CA LYS B 217 -5.51 -10.33 19.16
C LYS B 217 -5.94 -11.01 20.45
N GLU B 218 -7.17 -10.77 20.92
CA GLU B 218 -7.69 -11.38 22.14
C GLU B 218 -8.08 -12.83 21.91
N GLY C 1 9.22 25.53 -57.55
CA GLY C 1 8.98 25.47 -56.12
C GLY C 1 8.18 24.25 -55.72
N ILE C 2 8.65 23.55 -54.68
CA ILE C 2 8.01 22.35 -54.18
C ILE C 2 8.04 22.38 -52.66
N VAL C 3 7.14 21.62 -52.05
CA VAL C 3 6.93 21.67 -50.61
C VAL C 3 8.23 21.28 -49.90
N PRO C 4 8.81 22.16 -49.09
CA PRO C 4 10.00 21.76 -48.32
C PRO C 4 9.61 21.06 -47.03
N VAL C 5 10.30 19.98 -46.68
CA VAL C 5 10.06 19.27 -45.43
C VAL C 5 11.38 19.17 -44.68
N ALA C 6 11.28 18.74 -43.43
CA ALA C 6 12.45 18.56 -42.57
C ALA C 6 12.38 17.16 -41.98
N CYS C 7 13.16 16.23 -42.56
CA CYS C 7 13.15 14.85 -42.09
C CYS C 7 13.72 14.79 -40.68
N SER C 8 12.84 14.62 -39.70
CA SER C 8 13.23 14.74 -38.29
C SER C 8 14.09 13.56 -37.86
N ASP C 9 14.85 13.74 -36.79
CA ASP C 9 15.66 12.67 -36.24
C ASP C 9 14.95 12.01 -35.07
N GLY C 10 15.13 10.69 -34.96
CA GLY C 10 14.53 9.92 -33.89
C GLY C 10 13.13 9.41 -34.19
N TYR C 11 12.48 9.95 -35.22
CA TYR C 11 11.15 9.53 -35.59
C TYR C 11 11.23 8.46 -36.67
N GLY C 12 10.17 7.66 -36.77
CA GLY C 12 9.95 6.77 -37.90
C GLY C 12 10.26 5.32 -37.63
N GLY C 13 11.22 5.04 -36.74
CA GLY C 13 11.60 3.66 -36.49
C GLY C 13 10.41 2.82 -36.07
N LEU C 14 10.49 1.53 -36.38
CA LEU C 14 9.38 0.63 -36.11
C LEU C 14 9.24 0.38 -34.62
N VAL C 15 8.06 0.71 -34.08
CA VAL C 15 7.69 0.40 -32.71
C VAL C 15 6.62 -0.67 -32.77
N THR C 16 6.95 -1.87 -32.27
CA THR C 16 6.12 -3.03 -32.54
C THR C 16 4.67 -2.87 -32.10
N THR C 17 4.34 -1.81 -31.35
CA THR C 17 2.96 -1.52 -31.02
C THR C 17 2.52 -0.16 -31.54
N ASP C 18 3.08 0.28 -32.67
CA ASP C 18 2.74 1.59 -33.20
C ASP C 18 1.27 1.62 -33.63
N PRO C 19 0.64 2.78 -33.58
CA PRO C 19 -0.78 2.85 -33.90
C PRO C 19 -1.10 3.13 -35.37
N LYS C 20 -0.11 3.09 -36.25
CA LYS C 20 -0.35 3.36 -37.66
C LYS C 20 -0.32 2.07 -38.46
N THR C 21 -0.80 2.15 -39.70
CA THR C 21 -1.03 0.98 -40.54
C THR C 21 -0.12 1.02 -41.77
N ALA C 22 0.11 -0.17 -42.35
CA ALA C 22 1.04 -0.32 -43.44
C ALA C 22 0.39 0.08 -44.77
N ASP C 23 1.09 -0.25 -45.87
CA ASP C 23 0.73 -0.02 -47.25
C ASP C 23 0.25 -1.32 -47.90
N PRO C 24 -0.90 -1.34 -48.57
CA PRO C 24 -1.40 -2.58 -49.13
C PRO C 24 -0.70 -2.97 -50.42
N VAL C 25 -0.85 -4.25 -50.79
CA VAL C 25 -0.25 -4.76 -52.01
C VAL C 25 -1.25 -5.53 -52.86
N TYR C 26 -2.37 -5.94 -52.25
CA TYR C 26 -3.28 -6.90 -52.86
C TYR C 26 -4.71 -6.54 -52.51
N GLY C 27 -5.48 -6.09 -53.50
CA GLY C 27 -6.77 -5.49 -53.26
C GLY C 27 -7.94 -6.28 -53.84
N LYS C 28 -9.13 -5.83 -53.46
CA LYS C 28 -10.39 -6.36 -53.97
C LYS C 28 -10.58 -7.83 -53.61
N VAL C 29 -10.44 -8.15 -52.34
CA VAL C 29 -10.66 -9.51 -51.84
C VAL C 29 -11.91 -9.49 -50.97
N TYR C 30 -12.88 -10.35 -51.31
CA TYR C 30 -14.13 -10.45 -50.57
C TYR C 30 -14.14 -11.73 -49.76
N ASN C 31 -14.44 -11.62 -48.47
CA ASN C 31 -14.43 -12.76 -47.57
C ASN C 31 -15.74 -13.53 -47.66
N PRO C 32 -15.73 -14.80 -47.26
CA PRO C 32 -16.98 -15.55 -47.18
C PRO C 32 -17.82 -15.04 -46.02
N PRO C 33 -19.14 -15.22 -46.09
CA PRO C 33 -20.01 -14.62 -45.06
C PRO C 33 -19.95 -15.38 -43.76
N ARG C 34 -19.95 -14.62 -42.65
CA ARG C 34 -20.00 -15.20 -41.32
C ARG C 34 -20.96 -14.41 -40.44
N THR C 35 -22.11 -14.04 -40.99
CA THR C 35 -23.12 -13.34 -40.20
C THR C 35 -23.66 -14.25 -39.11
N ASN C 36 -23.81 -13.70 -37.91
CA ASN C 36 -24.43 -14.42 -36.78
C ASN C 36 -23.75 -15.75 -36.49
N TYR C 37 -22.42 -15.79 -36.62
CA TYR C 37 -21.70 -16.98 -36.21
C TYR C 37 -21.81 -17.14 -34.70
N PRO C 38 -22.05 -18.35 -34.20
CA PRO C 38 -22.35 -18.51 -32.78
C PRO C 38 -21.10 -18.49 -31.91
N GLY C 39 -21.28 -17.97 -30.71
CA GLY C 39 -20.25 -18.08 -29.69
C GLY C 39 -19.13 -17.06 -29.79
N ARG C 40 -19.45 -15.82 -30.14
CA ARG C 40 -18.42 -14.78 -30.22
C ARG C 40 -18.27 -14.05 -28.90
N PHE C 41 -17.03 -13.73 -28.55
CA PHE C 41 -16.75 -12.87 -27.41
C PHE C 41 -15.82 -11.76 -27.85
N THR C 42 -16.00 -10.57 -27.28
CA THR C 42 -15.24 -9.41 -27.66
C THR C 42 -14.39 -8.83 -26.55
N ASN C 43 -14.59 -9.26 -25.30
CA ASN C 43 -13.80 -8.79 -24.18
C ASN C 43 -13.47 -9.98 -23.29
N LEU C 44 -12.18 -10.17 -23.00
CA LEU C 44 -11.78 -11.30 -22.16
C LEU C 44 -12.47 -11.27 -20.80
N LEU C 45 -12.68 -10.09 -20.25
CA LEU C 45 -13.27 -10.00 -18.92
C LEU C 45 -14.73 -10.40 -18.89
N ASP C 46 -15.46 -10.25 -20.00
CA ASP C 46 -16.80 -10.81 -20.06
C ASP C 46 -16.76 -12.32 -19.90
N VAL C 47 -15.86 -12.98 -20.63
CA VAL C 47 -15.71 -14.43 -20.51
C VAL C 47 -15.33 -14.80 -19.08
N ALA C 48 -14.44 -14.03 -18.47
CA ALA C 48 -14.03 -14.32 -17.10
C ALA C 48 -15.16 -14.08 -16.11
N GLU C 49 -16.11 -13.20 -16.43
CA GLU C 49 -17.23 -12.93 -15.54
C GLU C 49 -18.31 -14.01 -15.67
N ALA C 50 -18.53 -14.52 -16.87
CA ALA C 50 -19.65 -15.43 -17.10
C ALA C 50 -19.33 -16.88 -16.82
N CYS C 51 -18.04 -17.25 -16.70
CA CYS C 51 -17.63 -18.65 -16.54
C CYS C 51 -16.69 -18.79 -15.36
N PRO C 52 -17.18 -19.24 -14.22
CA PRO C 52 -16.28 -19.53 -13.09
C PRO C 52 -15.39 -20.72 -13.40
N THR C 53 -14.23 -20.75 -12.74
CA THR C 53 -13.28 -21.83 -12.90
C THR C 53 -12.73 -22.23 -11.53
N PHE C 54 -12.35 -23.49 -11.40
CA PHE C 54 -12.02 -24.06 -10.10
C PHE C 54 -10.65 -23.60 -9.62
N LEU C 55 -10.44 -23.69 -8.31
CA LEU C 55 -9.14 -23.41 -7.72
C LEU C 55 -8.33 -24.71 -7.62
N CYS C 56 -7.19 -24.63 -6.95
CA CYS C 56 -6.29 -25.77 -6.81
C CYS C 56 -5.82 -25.86 -5.37
N PHE C 57 -6.52 -26.65 -4.56
CA PHE C 57 -6.16 -26.86 -3.18
C PHE C 57 -5.10 -27.97 -3.11
N ASP C 58 -4.84 -28.47 -1.90
CA ASP C 58 -3.79 -29.45 -1.71
C ASP C 58 -3.96 -30.65 -2.63
N ASP C 59 -2.84 -31.19 -3.11
CA ASP C 59 -2.81 -32.36 -3.99
C ASP C 59 -3.57 -32.13 -5.29
N GLY C 60 -3.88 -30.87 -5.59
CA GLY C 60 -4.56 -30.54 -6.83
C GLY C 60 -6.00 -31.03 -6.92
N LYS C 61 -6.77 -30.81 -5.87
CA LYS C 61 -8.21 -31.04 -5.85
C LYS C 61 -8.95 -29.72 -5.70
N PRO C 62 -10.05 -29.52 -6.41
CA PRO C 62 -10.76 -28.25 -6.31
C PRO C 62 -11.73 -28.18 -5.14
N TYR C 63 -11.63 -29.13 -4.22
CA TYR C 63 -12.59 -29.20 -3.12
C TYR C 63 -11.85 -29.31 -1.81
N VAL C 64 -12.46 -28.78 -0.76
CA VAL C 64 -12.00 -28.97 0.62
C VAL C 64 -13.00 -29.86 1.33
N VAL C 65 -12.51 -30.86 2.03
CA VAL C 65 -13.35 -31.85 2.70
C VAL C 65 -13.56 -31.42 4.14
N THR C 66 -14.74 -31.74 4.67
CA THR C 66 -15.02 -31.46 6.08
C THR C 66 -14.08 -32.28 6.95
N ARG C 67 -13.47 -31.61 7.93
CA ARG C 67 -12.46 -32.21 8.79
C ARG C 67 -13.04 -32.45 10.17
N GLU C 68 -12.67 -33.57 10.78
CA GLU C 68 -13.06 -33.86 12.16
C GLU C 68 -11.90 -33.44 13.06
N ASP C 69 -12.00 -32.28 13.67
CA ASP C 69 -10.92 -31.78 14.50
C ASP C 69 -11.48 -30.68 15.40
N GLU C 70 -10.61 -30.16 16.26
CA GLU C 70 -10.91 -28.93 16.99
C GLU C 70 -10.41 -27.70 16.26
N GLN C 71 -9.57 -27.87 15.25
CA GLN C 71 -9.16 -26.78 14.36
C GLN C 71 -10.07 -26.76 13.16
N ARG C 72 -10.74 -25.63 12.95
CA ARG C 72 -11.79 -25.52 11.94
C ARG C 72 -11.42 -24.51 10.85
N LEU C 73 -10.15 -24.46 10.47
CA LEU C 73 -9.70 -23.65 9.34
C LEU C 73 -9.59 -24.59 8.14
N LEU C 74 -10.56 -24.50 7.23
CA LEU C 74 -10.51 -25.35 6.05
C LEU C 74 -9.38 -24.94 5.12
N ALA C 75 -9.30 -23.66 4.76
CA ALA C 75 -8.23 -23.26 3.87
C ALA C 75 -7.94 -21.77 4.01
N LYS C 76 -6.84 -21.34 3.40
CA LYS C 76 -6.36 -19.97 3.48
C LYS C 76 -5.50 -19.68 2.26
N PHE C 77 -5.80 -18.61 1.54
CA PHE C 77 -4.98 -18.26 0.39
C PHE C 77 -4.89 -16.75 0.23
N ASP C 78 -3.77 -16.31 -0.32
CA ASP C 78 -3.54 -14.88 -0.49
C ASP C 78 -4.46 -14.32 -1.56
N VAL C 79 -4.83 -13.06 -1.40
CA VAL C 79 -5.57 -12.38 -2.46
C VAL C 79 -4.54 -11.80 -3.42
N SER C 80 -4.09 -12.63 -4.35
CA SER C 80 -3.12 -12.21 -5.35
C SER C 80 -3.29 -13.11 -6.56
N LEU C 81 -3.45 -12.49 -7.73
CA LEU C 81 -3.74 -13.25 -8.93
C LEU C 81 -2.57 -14.15 -9.35
N ALA C 82 -1.51 -14.18 -8.55
CA ALA C 82 -0.42 -15.11 -8.74
C ALA C 82 -0.38 -16.19 -7.66
N ALA C 83 -1.37 -16.24 -6.77
CA ALA C 83 -1.33 -17.16 -5.65
C ALA C 83 -1.27 -18.61 -6.13
N LYS C 84 -0.90 -19.50 -5.22
CA LYS C 84 -0.74 -20.91 -5.58
C LYS C 84 -2.09 -21.58 -5.81
N HIS C 85 -3.11 -21.19 -5.05
CA HIS C 85 -4.43 -21.77 -5.22
C HIS C 85 -5.10 -21.30 -6.51
N MET C 86 -4.68 -20.17 -7.06
CA MET C 86 -5.27 -19.65 -8.29
C MET C 86 -4.43 -19.94 -9.52
N SER C 87 -3.46 -20.86 -9.44
CA SER C 87 -2.52 -21.03 -10.53
C SER C 87 -3.14 -21.64 -11.77
N ASN C 88 -4.32 -22.25 -11.64
CA ASN C 88 -4.94 -22.95 -12.76
C ASN C 88 -6.18 -22.24 -13.29
N THR C 89 -6.64 -21.20 -12.62
CA THR C 89 -7.87 -20.55 -13.01
C THR C 89 -7.69 -19.74 -14.28
N TYR C 90 -8.79 -19.58 -15.03
CA TYR C 90 -8.79 -18.71 -16.20
C TYR C 90 -8.49 -17.26 -15.83
N LEU C 91 -8.99 -16.81 -14.68
CA LEU C 91 -8.78 -15.42 -14.28
C LEU C 91 -7.30 -15.09 -14.17
N SER C 92 -6.55 -15.92 -13.44
CA SER C 92 -5.11 -15.73 -13.39
C SER C 92 -4.48 -15.96 -14.75
N GLY C 93 -5.06 -16.83 -15.56
CA GLY C 93 -4.53 -17.06 -16.90
C GLY C 93 -4.55 -15.79 -17.74
N ILE C 94 -5.57 -14.96 -17.57
CA ILE C 94 -5.55 -13.65 -18.21
C ILE C 94 -4.61 -12.72 -17.50
N ALA C 95 -4.73 -12.65 -16.17
CA ALA C 95 -4.06 -11.60 -15.42
C ALA C 95 -2.55 -11.72 -15.46
N GLN C 96 -2.02 -12.88 -15.85
CA GLN C 96 -0.58 -12.98 -15.97
C GLN C 96 -0.02 -12.12 -17.10
N TYR C 97 -0.86 -11.67 -18.03
CA TYR C 97 -0.43 -10.85 -19.15
C TYR C 97 -0.71 -9.37 -18.95
N TYR C 98 -1.01 -8.96 -17.72
CA TYR C 98 -1.35 -7.57 -17.46
C TYR C 98 -0.57 -7.11 -16.22
N ALA C 99 -0.36 -5.80 -16.12
CA ALA C 99 0.50 -5.28 -15.07
C ALA C 99 -0.26 -5.00 -13.78
N GLN C 100 -1.40 -4.33 -13.86
CA GLN C 100 -2.13 -3.93 -12.66
C GLN C 100 -3.60 -4.29 -12.81
N TYR C 101 -4.29 -4.37 -11.68
CA TYR C 101 -5.70 -4.73 -11.65
C TYR C 101 -6.41 -3.87 -10.62
N SER C 102 -7.74 -3.99 -10.59
CA SER C 102 -8.57 -3.30 -9.61
C SER C 102 -9.98 -3.85 -9.71
N GLY C 103 -10.61 -4.01 -8.56
CA GLY C 103 -12.00 -4.42 -8.50
C GLY C 103 -12.20 -5.63 -7.58
N THR C 104 -13.45 -6.08 -7.56
CA THR C 104 -13.85 -7.17 -6.69
C THR C 104 -13.67 -8.51 -7.39
N ILE C 105 -13.42 -9.56 -6.61
CA ILE C 105 -13.23 -10.91 -7.14
C ILE C 105 -14.25 -11.83 -6.47
N ASN C 106 -15.04 -12.52 -7.26
CA ASN C 106 -16.12 -13.35 -6.71
C ASN C 106 -15.61 -14.77 -6.46
N LEU C 107 -16.03 -15.36 -5.35
CA LEU C 107 -15.79 -16.76 -5.06
C LEU C 107 -17.12 -17.49 -4.95
N HIS C 108 -17.23 -18.62 -5.62
CA HIS C 108 -18.43 -19.44 -5.59
C HIS C 108 -18.14 -20.75 -4.88
N PHE C 109 -18.82 -20.98 -3.76
CA PHE C 109 -18.72 -22.23 -3.01
C PHE C 109 -19.95 -23.07 -3.29
N MET C 110 -19.73 -24.30 -3.73
CA MET C 110 -20.82 -25.23 -4.03
C MET C 110 -20.67 -26.46 -3.16
N PHE C 111 -21.70 -26.79 -2.40
CA PHE C 111 -21.67 -28.00 -1.58
C PHE C 111 -22.00 -29.21 -2.44
N THR C 112 -21.35 -30.33 -2.16
CA THR C 112 -21.57 -31.57 -2.88
C THR C 112 -21.90 -32.74 -1.96
N GLY C 113 -22.58 -32.49 -0.85
CA GLY C 113 -22.86 -33.54 0.10
C GLY C 113 -24.15 -34.27 -0.20
N SER C 114 -24.31 -35.39 0.49
CA SER C 114 -25.55 -36.14 0.42
C SER C 114 -26.64 -35.44 1.22
N THR C 115 -27.89 -35.85 0.97
CA THR C 115 -29.03 -35.17 1.57
C THR C 115 -29.05 -35.28 3.09
N ASP C 116 -28.40 -36.31 3.63
CA ASP C 116 -28.47 -36.58 5.06
C ASP C 116 -27.34 -35.94 5.86
N SER C 117 -26.57 -35.03 5.25
CA SER C 117 -25.47 -34.36 5.92
C SER C 117 -25.65 -32.86 5.83
N LYS C 118 -25.29 -32.16 6.92
CA LYS C 118 -25.40 -30.71 6.95
C LYS C 118 -24.06 -30.10 7.33
N ALA C 119 -23.91 -28.81 7.05
CA ALA C 119 -22.72 -28.08 7.47
C ALA C 119 -23.02 -26.60 7.44
N ARG C 120 -22.19 -25.83 8.15
CA ARG C 120 -22.33 -24.38 8.20
C ARG C 120 -20.94 -23.76 8.09
N TYR C 121 -20.72 -22.99 7.02
CA TYR C 121 -19.38 -22.48 6.71
C TYR C 121 -19.34 -20.97 6.89
N MET C 122 -18.12 -20.45 6.91
CA MET C 122 -17.86 -19.01 7.05
C MET C 122 -16.60 -18.64 6.32
N VAL C 123 -16.66 -17.55 5.56
CA VAL C 123 -15.51 -17.02 4.83
C VAL C 123 -15.28 -15.58 5.27
N ALA C 124 -14.02 -15.24 5.55
CA ALA C 124 -13.66 -13.92 6.04
C ALA C 124 -12.47 -13.38 5.27
N TYR C 125 -12.46 -12.07 5.05
CA TYR C 125 -11.41 -11.40 4.28
C TYR C 125 -10.52 -10.63 5.25
N VAL C 126 -9.34 -11.17 5.52
CA VAL C 126 -8.42 -10.60 6.49
C VAL C 126 -7.52 -9.61 5.76
N PRO C 127 -7.67 -8.31 5.99
CA PRO C 127 -6.83 -7.33 5.28
C PRO C 127 -5.40 -7.36 5.78
N PRO C 128 -4.48 -6.71 5.08
CA PRO C 128 -3.08 -6.75 5.51
C PRO C 128 -2.82 -5.87 6.71
N GLY C 129 -1.85 -6.29 7.52
CA GLY C 129 -1.49 -5.52 8.70
C GLY C 129 -1.34 -6.37 9.93
N VAL C 130 -1.83 -7.61 9.87
CA VAL C 130 -1.74 -8.56 10.97
C VAL C 130 -0.57 -9.50 10.69
N GLU C 131 0.18 -9.84 11.74
CA GLU C 131 1.41 -10.61 11.54
C GLU C 131 1.12 -12.06 11.23
N THR C 132 0.23 -12.68 12.00
CA THR C 132 -0.14 -14.08 11.82
C THR C 132 -1.62 -14.17 11.52
N PRO C 133 -2.02 -14.76 10.40
CA PRO C 133 -3.44 -14.88 10.07
C PRO C 133 -4.18 -15.68 11.14
N PRO C 134 -5.46 -15.36 11.36
CA PRO C 134 -6.19 -16.03 12.43
C PRO C 134 -6.38 -17.51 12.13
N ASP C 135 -6.51 -18.30 13.20
CA ASP C 135 -6.63 -19.74 13.10
C ASP C 135 -7.95 -20.26 13.68
N THR C 136 -8.89 -19.39 14.02
CA THR C 136 -10.14 -19.81 14.61
C THR C 136 -11.20 -18.76 14.33
N PRO C 137 -12.46 -19.17 14.13
CA PRO C 137 -13.49 -18.19 13.78
C PRO C 137 -13.80 -17.19 14.87
N GLU C 138 -13.66 -17.57 16.14
CA GLU C 138 -13.90 -16.62 17.22
C GLU C 138 -13.01 -15.40 17.07
N ARG C 139 -11.85 -15.56 16.43
CA ARG C 139 -10.90 -14.47 16.29
C ARG C 139 -11.06 -13.77 14.95
N ALA C 140 -11.31 -14.53 13.88
CA ALA C 140 -11.45 -13.92 12.56
C ALA C 140 -12.83 -13.33 12.34
N ALA C 141 -13.75 -13.47 13.31
CA ALA C 141 -15.10 -13.00 13.10
C ALA C 141 -15.17 -11.48 13.04
N HIS C 142 -14.10 -10.79 13.42
CA HIS C 142 -14.11 -9.34 13.44
C HIS C 142 -13.82 -8.71 12.08
N CYS C 143 -13.34 -9.48 11.11
CA CYS C 143 -13.10 -8.98 9.77
C CYS C 143 -14.43 -8.92 9.02
N ILE C 144 -14.34 -8.68 7.71
CA ILE C 144 -15.53 -8.73 6.87
C ILE C 144 -15.78 -10.19 6.49
N HIS C 145 -16.86 -10.76 6.99
CA HIS C 145 -17.08 -12.19 6.84
C HIS C 145 -18.52 -12.45 6.42
N ALA C 146 -18.78 -13.71 6.10
CA ALA C 146 -20.09 -14.18 5.68
C ALA C 146 -20.24 -15.62 6.08
N GLU C 147 -21.44 -16.00 6.51
CA GLU C 147 -21.74 -17.34 6.96
C GLU C 147 -22.88 -17.90 6.13
N TRP C 148 -22.87 -19.21 5.91
CA TRP C 148 -23.97 -19.79 5.17
C TRP C 148 -24.16 -21.26 5.53
N ASP C 149 -25.41 -21.68 5.43
CA ASP C 149 -25.86 -23.03 5.76
C ASP C 149 -25.98 -23.86 4.48
N THR C 150 -26.35 -25.12 4.64
CA THR C 150 -26.56 -26.02 3.51
C THR C 150 -28.01 -26.50 3.49
N GLY C 151 -28.66 -26.33 2.36
CA GLY C 151 -30.07 -26.67 2.22
C GLY C 151 -30.42 -26.91 0.77
N LEU C 152 -31.58 -26.39 0.35
CA LEU C 152 -31.99 -26.56 -1.04
C LEU C 152 -31.00 -25.92 -1.99
N ASN C 153 -30.82 -24.61 -1.90
CA ASN C 153 -29.85 -23.91 -2.72
C ASN C 153 -28.45 -24.20 -2.18
N SER C 154 -27.60 -24.79 -3.02
CA SER C 154 -26.34 -25.32 -2.54
C SER C 154 -25.15 -24.41 -2.82
N LYS C 155 -25.36 -23.25 -3.43
CA LYS C 155 -24.28 -22.36 -3.83
C LYS C 155 -24.24 -21.14 -2.93
N PHE C 156 -23.06 -20.51 -2.84
CA PHE C 156 -22.93 -19.24 -2.14
C PHE C 156 -21.83 -18.42 -2.80
N THR C 157 -22.10 -17.13 -2.98
CA THR C 157 -21.22 -16.23 -3.70
C THR C 157 -20.73 -15.12 -2.78
N PHE C 158 -19.41 -14.99 -2.66
CA PHE C 158 -18.82 -13.99 -1.79
C PHE C 158 -17.89 -13.10 -2.59
N SER C 159 -18.08 -11.79 -2.47
CA SER C 159 -17.35 -10.83 -3.29
C SER C 159 -16.17 -10.26 -2.50
N ILE C 160 -15.00 -10.88 -2.66
CA ILE C 160 -13.77 -10.35 -2.08
C ILE C 160 -13.60 -8.91 -2.55
N PRO C 161 -13.71 -7.93 -1.66
CA PRO C 161 -13.65 -6.53 -2.09
C PRO C 161 -12.24 -6.12 -2.46
N TYR C 162 -12.15 -4.94 -3.05
CA TYR C 162 -10.87 -4.29 -3.30
C TYR C 162 -10.72 -3.17 -2.29
N VAL C 163 -9.89 -3.38 -1.28
CA VAL C 163 -9.63 -2.39 -0.25
C VAL C 163 -8.13 -2.25 -0.14
N SER C 164 -7.58 -1.15 -0.66
CA SER C 164 -6.15 -0.95 -0.67
C SER C 164 -5.86 0.53 -0.85
N ALA C 165 -4.63 0.92 -0.52
CA ALA C 165 -4.27 2.33 -0.57
C ALA C 165 -4.24 2.85 -2.00
N ALA C 166 -3.37 2.29 -2.83
CA ALA C 166 -3.28 2.70 -4.21
C ALA C 166 -4.48 2.22 -5.01
N ASP C 167 -4.98 3.07 -5.91
CA ASP C 167 -6.18 2.74 -6.66
C ASP C 167 -6.00 1.51 -7.54
N TYR C 168 -4.76 1.16 -7.88
CA TYR C 168 -4.49 -0.06 -8.64
C TYR C 168 -3.41 -0.84 -7.90
N ALA C 169 -3.39 -2.15 -8.12
CA ALA C 169 -2.46 -3.01 -7.42
C ALA C 169 -1.84 -4.00 -8.38
N TYR C 170 -0.61 -4.40 -8.09
CA TYR C 170 0.13 -5.28 -8.97
C TYR C 170 -0.50 -6.67 -9.01
N THR C 171 -0.19 -7.42 -10.06
CA THR C 171 -0.62 -8.80 -10.20
C THR C 171 0.54 -9.78 -10.11
N ALA C 172 1.56 -9.48 -9.31
CA ALA C 172 2.71 -10.35 -9.14
C ALA C 172 3.41 -10.01 -7.82
N SER C 173 3.62 -11.03 -7.00
CA SER C 173 4.33 -10.82 -5.74
C SER C 173 5.76 -10.38 -6.03
N ASP C 174 6.17 -9.25 -5.45
CA ASP C 174 7.36 -8.55 -5.92
C ASP C 174 8.61 -9.39 -5.73
N VAL C 175 9.02 -9.59 -4.49
CA VAL C 175 10.34 -10.14 -4.19
C VAL C 175 10.17 -11.13 -3.03
N ALA C 176 11.29 -11.64 -2.51
CA ALA C 176 11.26 -12.55 -1.37
C ALA C 176 10.61 -11.95 -0.13
N GLU C 177 10.16 -10.71 -0.18
CA GLU C 177 9.34 -10.16 0.88
C GLU C 177 8.06 -10.97 1.04
N THR C 178 7.69 -11.24 2.29
CA THR C 178 6.52 -12.04 2.59
C THR C 178 5.35 -11.12 2.99
N THR C 179 4.27 -11.73 3.50
CA THR C 179 3.10 -10.99 4.00
C THR C 179 2.49 -10.11 2.91
N ASN C 180 1.87 -10.75 1.92
CA ASN C 180 1.32 -10.14 0.72
C ASN C 180 0.68 -8.78 0.95
N VAL C 181 0.93 -7.84 0.02
CA VAL C 181 0.45 -6.48 0.18
C VAL C 181 -1.06 -6.43 0.31
N GLN C 182 -1.78 -7.33 -0.34
CA GLN C 182 -3.20 -7.51 -0.12
C GLN C 182 -3.41 -8.70 0.81
N GLY C 183 -4.41 -8.59 1.66
CA GLY C 183 -4.60 -9.56 2.72
C GLY C 183 -5.03 -10.93 2.24
N TRP C 184 -5.05 -11.86 3.18
CA TRP C 184 -5.41 -13.24 2.90
C TRP C 184 -6.94 -13.40 2.91
N VAL C 185 -7.38 -14.61 2.57
CA VAL C 185 -8.77 -15.03 2.72
C VAL C 185 -8.77 -16.40 3.38
N CYS C 186 -9.60 -16.56 4.39
CA CYS C 186 -9.66 -17.79 5.17
C CYS C 186 -11.08 -18.34 5.10
N ILE C 187 -11.21 -19.59 4.65
CA ILE C 187 -12.48 -20.29 4.61
C ILE C 187 -12.48 -21.25 5.78
N TYR C 188 -13.39 -21.01 6.74
CA TYR C 188 -13.54 -21.79 7.94
C TYR C 188 -14.76 -22.68 7.86
N GLN C 189 -14.82 -23.66 8.76
CA GLN C 189 -15.98 -24.52 8.92
C GLN C 189 -16.48 -24.39 10.35
N ILE C 190 -17.62 -23.74 10.53
CA ILE C 190 -18.13 -23.55 11.88
C ILE C 190 -18.48 -24.90 12.50
N THR C 191 -19.41 -25.62 11.89
CA THR C 191 -19.72 -26.96 12.39
C THR C 191 -20.32 -27.78 11.26
N HIS C 192 -20.44 -29.09 11.52
CA HIS C 192 -20.94 -30.03 10.54
C HIS C 192 -21.72 -31.12 11.25
N GLY C 193 -22.70 -31.67 10.55
CA GLY C 193 -23.48 -32.78 11.08
C GLY C 193 -23.51 -33.94 10.12
N LYS C 194 -22.90 -35.05 10.53
CA LYS C 194 -22.90 -36.30 9.77
C LYS C 194 -22.40 -36.10 8.34
N ALA C 195 -21.39 -35.25 8.19
CA ALA C 195 -20.71 -35.07 6.91
C ALA C 195 -19.24 -35.42 7.12
N GLN C 196 -18.93 -36.71 7.00
CA GLN C 196 -17.57 -37.16 7.32
C GLN C 196 -16.64 -36.97 6.12
N ASN C 197 -17.09 -37.34 4.93
CA ASN C 197 -16.26 -37.26 3.74
C ASN C 197 -16.74 -36.22 2.73
N ASP C 198 -17.96 -35.71 2.86
CA ASP C 198 -18.53 -34.88 1.81
C ASP C 198 -17.77 -33.57 1.70
N THR C 199 -17.65 -33.09 0.46
CA THR C 199 -16.71 -32.05 0.10
C THR C 199 -17.39 -30.69 -0.07
N LEU C 200 -16.60 -29.70 -0.45
CA LEU C 200 -17.07 -28.37 -0.85
C LEU C 200 -16.19 -27.91 -1.99
N VAL C 201 -16.79 -27.68 -3.16
CA VAL C 201 -16.04 -27.26 -4.34
C VAL C 201 -15.97 -25.73 -4.36
N VAL C 202 -14.80 -25.19 -4.67
CA VAL C 202 -14.58 -23.75 -4.67
C VAL C 202 -14.16 -23.32 -6.06
N SER C 203 -14.75 -22.24 -6.56
CA SER C 203 -14.37 -21.67 -7.84
C SER C 203 -14.27 -20.17 -7.69
N VAL C 204 -13.62 -19.51 -8.66
CA VAL C 204 -13.40 -18.08 -8.59
C VAL C 204 -13.65 -17.47 -9.96
N SER C 205 -14.17 -16.24 -9.97
CA SER C 205 -14.41 -15.52 -11.21
C SER C 205 -14.31 -14.03 -10.97
N ALA C 206 -14.47 -13.27 -12.05
CA ALA C 206 -14.33 -11.83 -12.00
C ALA C 206 -15.57 -11.19 -11.40
N GLY C 207 -15.44 -9.92 -11.04
CA GLY C 207 -16.54 -9.19 -10.42
C GLY C 207 -17.22 -8.26 -11.39
N LYS C 208 -18.16 -7.49 -10.85
CA LYS C 208 -18.93 -6.57 -11.69
C LYS C 208 -18.08 -5.40 -12.16
N ASP C 209 -16.98 -5.12 -11.46
CA ASP C 209 -16.14 -3.97 -11.77
C ASP C 209 -14.66 -4.32 -11.80
N PHE C 210 -14.29 -5.53 -12.21
CA PHE C 210 -12.90 -5.90 -12.35
C PHE C 210 -12.31 -5.24 -13.59
N GLU C 211 -11.01 -4.95 -13.56
CA GLU C 211 -10.37 -4.23 -14.65
C GLU C 211 -8.88 -4.48 -14.64
N LEU C 212 -8.33 -4.83 -15.80
CA LEU C 212 -6.90 -4.99 -16.00
C LEU C 212 -6.40 -3.88 -16.92
N ARG C 213 -5.17 -3.43 -16.69
CA ARG C 213 -4.77 -2.12 -17.16
C ARG C 213 -3.69 -2.19 -18.23
N LEU C 214 -2.53 -2.77 -17.96
CA LEU C 214 -1.38 -2.55 -18.83
C LEU C 214 -0.90 -3.87 -19.41
N PRO C 215 -0.81 -4.01 -20.73
CA PRO C 215 -0.43 -5.31 -21.30
C PRO C 215 1.07 -5.53 -21.30
N ILE C 216 1.47 -6.74 -20.85
CA ILE C 216 2.85 -7.19 -20.92
C ILE C 216 2.81 -8.65 -21.30
N ASP C 217 3.99 -9.28 -21.35
CA ASP C 217 4.08 -10.73 -21.49
C ASP C 217 5.34 -11.22 -20.80
N PRO C 218 5.24 -11.76 -19.60
CA PRO C 218 6.44 -12.11 -18.84
C PRO C 218 6.87 -13.56 -19.04
N ARG C 219 6.07 -14.34 -19.74
CA ARG C 219 6.37 -15.75 -19.92
C ARG C 219 7.62 -15.93 -20.78
N THR C 220 8.62 -16.62 -20.23
CA THR C 220 9.86 -16.83 -20.94
C THR C 220 9.67 -17.88 -22.03
N GLN C 221 10.34 -17.69 -23.16
CA GLN C 221 10.22 -18.62 -24.27
C GLN C 221 11.55 -19.30 -24.57
N SER D 15 -1.18 24.00 -22.18
CA SER D 15 -0.36 23.85 -23.38
C SER D 15 0.95 24.61 -23.24
N GLY D 16 1.80 24.16 -22.32
CA GLY D 16 3.10 24.77 -22.13
C GLY D 16 4.16 24.21 -23.04
N ASN D 17 4.91 25.10 -23.70
CA ASN D 17 6.02 24.73 -24.57
C ASN D 17 5.59 23.80 -25.71
N THR D 18 4.57 24.21 -26.46
CA THR D 18 4.19 23.51 -27.68
C THR D 18 3.84 24.57 -28.72
N GLY D 19 4.50 24.53 -29.86
CA GLY D 19 4.36 25.57 -30.85
C GLY D 19 3.99 25.09 -32.23
N SER D 20 3.14 24.07 -32.31
CA SER D 20 2.63 23.60 -33.58
C SER D 20 1.23 24.16 -33.81
N ILE D 21 1.02 24.75 -34.99
CA ILE D 21 -0.29 25.31 -35.28
C ILE D 21 -1.31 24.22 -35.56
N ILE D 22 -0.94 23.22 -36.36
CA ILE D 22 -1.86 22.14 -36.71
C ILE D 22 -2.10 21.28 -35.49
N ASN D 23 -3.27 20.66 -35.42
CA ASN D 23 -3.55 19.72 -34.35
C ASN D 23 -2.61 18.53 -34.44
N ASN D 24 -2.45 17.84 -33.31
CA ASN D 24 -1.60 16.65 -33.30
C ASN D 24 -2.15 15.61 -34.26
N TYR D 25 -1.25 14.87 -34.90
CA TYR D 25 -1.67 13.87 -35.86
C TYR D 25 -2.34 12.67 -35.20
N TYR D 26 -1.91 12.30 -34.00
CA TYR D 26 -2.50 11.21 -33.25
C TYR D 26 -3.56 11.73 -32.29
N MET D 27 -4.52 10.90 -31.96
CA MET D 27 -5.64 11.35 -31.15
C MET D 27 -5.18 11.65 -29.72
N GLN D 28 -6.09 12.27 -28.96
CA GLN D 28 -5.78 12.61 -27.58
C GLN D 28 -5.63 11.37 -26.71
N GLN D 29 -6.12 10.22 -27.18
CA GLN D 29 -6.02 9.00 -26.39
C GLN D 29 -4.64 8.35 -26.49
N TYR D 30 -3.93 8.57 -27.60
CA TYR D 30 -2.65 7.91 -27.83
C TYR D 30 -1.46 8.83 -27.57
N GLN D 31 -1.63 10.13 -27.70
CA GLN D 31 -0.52 11.04 -27.49
C GLN D 31 -0.10 11.07 -26.03
N ASN D 32 -1.08 11.06 -25.12
CA ASN D 32 -0.81 11.12 -23.69
C ASN D 32 -1.87 10.34 -22.94
N SER D 33 -1.68 10.21 -21.63
CA SER D 33 -2.69 9.59 -20.80
C SER D 33 -3.92 10.47 -20.71
N MET D 34 -5.02 9.89 -20.27
CA MET D 34 -6.28 10.60 -20.11
C MET D 34 -6.64 10.69 -18.63
N ASP D 35 -6.91 11.90 -18.17
CA ASP D 35 -7.24 12.10 -16.76
C ASP D 35 -8.69 11.70 -16.48
N THR D 36 -8.96 11.30 -15.25
CA THR D 36 -10.29 10.99 -14.78
C THR D 36 -10.64 11.87 -13.59
N GLN D 37 -11.93 11.97 -13.30
CA GLN D 37 -12.42 12.86 -12.25
C GLN D 37 -13.40 12.14 -11.36
N LEU D 38 -13.76 12.79 -10.27
CA LEU D 38 -14.79 12.27 -9.36
C LEU D 38 -15.34 13.40 -8.49
N ASN D 65 -7.84 23.72 -9.24
CA ASN D 65 -7.63 24.26 -7.91
C ASN D 65 -6.17 24.64 -7.68
N ASP D 66 -5.88 25.93 -7.89
CA ASP D 66 -4.52 26.46 -7.74
C ASP D 66 -4.49 27.21 -6.42
N TRP D 67 -3.76 26.65 -5.44
CA TRP D 67 -3.79 27.21 -4.09
C TRP D 67 -2.89 28.43 -3.98
N PHE D 68 -1.61 28.28 -4.33
CA PHE D 68 -0.66 29.37 -4.08
C PHE D 68 -1.01 30.63 -4.84
N SER D 69 -1.71 30.52 -5.97
CA SER D 69 -2.21 31.74 -6.62
C SER D 69 -3.25 32.42 -5.73
N LYS D 70 -4.12 31.65 -5.10
CA LYS D 70 -5.11 32.22 -4.21
C LYS D 70 -4.44 32.83 -2.99
N LEU D 71 -3.37 32.21 -2.51
CA LEU D 71 -2.65 32.76 -1.36
C LEU D 71 -1.95 34.06 -1.71
N ALA D 72 -1.18 34.06 -2.79
CA ALA D 72 -0.39 35.24 -3.14
C ALA D 72 -1.26 36.36 -3.68
N SER D 73 -2.45 36.06 -4.18
CA SER D 73 -3.31 37.10 -4.73
C SER D 73 -4.12 37.81 -3.65
N SER D 74 -4.32 37.17 -2.50
CA SER D 74 -4.99 37.81 -1.38
C SER D 74 -4.02 38.45 -0.40
N ALA D 75 -2.79 38.71 -0.82
CA ALA D 75 -1.80 39.31 0.06
C ALA D 75 -2.21 40.72 0.43
N PHE D 76 -2.12 41.04 1.72
CA PHE D 76 -2.39 42.39 2.18
C PHE D 76 -1.43 43.37 1.54
N SER D 77 -1.96 44.55 1.19
CA SER D 77 -1.16 45.57 0.54
C SER D 77 -1.54 46.93 1.13
N GLY D 78 -1.09 47.98 0.47
CA GLY D 78 -1.43 49.32 0.94
C GLY D 78 -0.72 49.62 2.25
N LEU D 79 -1.42 50.32 3.14
CA LEU D 79 -0.84 50.76 4.40
C LEU D 79 -1.67 50.22 5.57
N PHE D 80 -1.28 50.62 6.77
CA PHE D 80 -1.98 50.25 8.00
C PHE D 80 -1.99 51.44 8.93
N GLY D 81 -3.16 51.71 9.52
CA GLY D 81 -3.30 52.82 10.44
C GLY D 81 -3.77 54.08 9.77
N ALA D 82 -3.18 55.22 10.15
CA ALA D 82 -3.49 56.50 9.55
C ALA D 82 -2.45 56.84 8.49
N LEU D 83 -2.63 57.99 7.86
CA LEU D 83 -1.75 58.44 6.78
C LEU D 83 -1.79 59.96 6.70
N LEU D 84 -0.63 60.58 6.60
CA LEU D 84 -0.50 62.02 6.37
C LEU D 84 0.35 62.21 5.14
N ALA D 85 -0.29 62.20 3.97
CA ALA D 85 0.41 62.30 2.70
C ALA D 85 0.99 63.70 2.50
N GLN E 1 -6.78 -27.26 24.16
CA GLN E 1 -8.01 -27.58 23.45
C GLN E 1 -8.67 -28.82 24.04
N VAL E 2 -7.88 -29.88 24.24
CA VAL E 2 -8.35 -31.08 24.90
C VAL E 2 -7.28 -31.53 25.89
N GLN E 3 -7.73 -32.04 27.03
CA GLN E 3 -6.85 -32.64 28.02
C GLN E 3 -7.11 -34.14 28.02
N LEU E 4 -6.14 -34.91 27.56
CA LEU E 4 -6.36 -36.34 27.34
C LEU E 4 -5.15 -37.13 27.82
N GLN E 5 -5.43 -38.23 28.50
CA GLN E 5 -4.42 -39.05 29.14
C GLN E 5 -4.45 -40.46 28.58
N GLU E 6 -3.32 -41.14 28.65
CA GLU E 6 -3.16 -42.48 28.10
C GLU E 6 -2.61 -43.40 29.18
N SER E 7 -2.84 -44.71 29.00
CA SER E 7 -2.35 -45.72 29.92
C SER E 7 -2.41 -47.09 29.24
N GLY E 8 -1.81 -48.08 29.88
CA GLY E 8 -1.88 -49.45 29.41
C GLY E 8 -0.61 -50.00 28.82
N GLY E 9 0.36 -49.16 28.47
CA GLY E 9 1.59 -49.63 27.88
C GLY E 9 2.51 -50.26 28.90
N GLY E 10 3.56 -50.87 28.40
CA GLY E 10 4.52 -51.54 29.26
C GLY E 10 5.44 -52.43 28.45
N LEU E 11 5.87 -53.53 29.08
CA LEU E 11 6.82 -54.45 28.50
C LEU E 11 6.17 -55.82 28.30
N VAL E 12 6.52 -56.46 27.19
CA VAL E 12 5.94 -57.75 26.84
C VAL E 12 6.85 -58.43 25.82
N GLN E 13 6.79 -59.76 25.74
CA GLN E 13 7.62 -60.53 24.83
C GLN E 13 6.94 -60.63 23.46
N ALA E 14 7.67 -61.18 22.50
CA ALA E 14 7.15 -61.35 21.16
C ALA E 14 5.98 -62.33 21.16
N GLY E 15 4.92 -61.96 20.45
CA GLY E 15 3.71 -62.75 20.42
C GLY E 15 2.68 -62.41 21.49
N GLY E 16 2.99 -61.48 22.39
CA GLY E 16 2.07 -61.12 23.44
C GLY E 16 0.95 -60.23 22.94
N SER E 17 0.30 -59.57 23.90
CA SER E 17 -0.81 -58.68 23.57
C SER E 17 -0.90 -57.59 24.63
N LEU E 18 -1.54 -56.48 24.25
CA LEU E 18 -1.71 -55.34 25.13
C LEU E 18 -3.02 -54.64 24.82
N ARG E 19 -3.45 -53.78 25.74
CA ARG E 19 -4.64 -52.95 25.58
C ARG E 19 -4.32 -51.55 26.06
N LEU E 20 -4.20 -50.62 25.12
CA LEU E 20 -3.94 -49.22 25.45
C LEU E 20 -5.26 -48.48 25.57
N SER E 21 -5.40 -47.66 26.61
CA SER E 21 -6.61 -46.88 26.83
C SER E 21 -6.25 -45.40 26.85
N CYS E 22 -7.17 -44.57 26.37
CA CYS E 22 -7.02 -43.12 26.40
C CYS E 22 -8.35 -42.49 26.78
N VAL E 23 -8.30 -41.48 27.64
CA VAL E 23 -9.48 -40.75 28.09
C VAL E 23 -9.32 -39.29 27.74
N TYR E 24 -10.36 -38.71 27.15
CA TYR E 24 -10.31 -37.32 26.70
C TYR E 24 -11.45 -36.56 27.36
N SER E 25 -11.54 -35.26 27.03
CA SER E 25 -12.48 -34.39 27.73
C SER E 25 -13.32 -33.52 26.81
N GLY E 26 -12.91 -33.32 25.57
CA GLY E 26 -13.59 -32.34 24.73
C GLY E 26 -14.28 -32.89 23.50
N GLY E 27 -15.59 -32.76 23.45
CA GLY E 27 -16.33 -33.07 22.24
C GLY E 27 -16.25 -34.53 21.85
N ALA E 28 -16.54 -34.80 20.58
CA ALA E 28 -16.58 -36.17 20.07
C ALA E 28 -15.86 -36.24 18.72
N TYR E 29 -14.68 -35.67 18.65
CA TYR E 29 -13.92 -35.68 17.41
C TYR E 29 -13.32 -37.07 17.16
N SER E 30 -13.09 -37.38 15.88
CA SER E 30 -12.58 -38.68 15.51
C SER E 30 -11.14 -38.85 15.98
N MET E 31 -10.91 -39.83 16.84
CA MET E 31 -9.62 -40.02 17.48
C MET E 31 -8.79 -41.06 16.73
N GLY E 32 -7.53 -41.17 17.11
CA GLY E 32 -6.63 -42.14 16.51
C GLY E 32 -5.36 -42.24 17.31
N TRP E 33 -4.59 -43.28 17.00
CA TRP E 33 -3.38 -43.60 17.74
C TRP E 33 -2.14 -43.36 16.89
N TYR E 34 -1.17 -42.65 17.45
CA TYR E 34 0.08 -42.32 16.78
C TYR E 34 1.23 -42.98 17.53
N ARG E 35 2.30 -43.31 16.81
CA ARG E 35 3.49 -43.88 17.44
C ARG E 35 4.72 -43.21 16.86
N GLN E 36 5.72 -42.96 17.70
CA GLN E 36 6.98 -42.37 17.28
C GLN E 36 8.06 -43.45 17.46
N ALA E 37 8.37 -44.15 16.37
CA ALA E 37 9.39 -45.17 16.40
C ALA E 37 10.73 -44.56 16.82
N PRO E 38 11.61 -45.34 17.44
CA PRO E 38 12.90 -44.79 17.88
C PRO E 38 13.73 -44.33 16.69
N GLY E 39 13.93 -43.02 16.60
CA GLY E 39 14.69 -42.43 15.52
C GLY E 39 13.93 -42.24 14.22
N LYS E 40 12.61 -42.41 14.23
CA LYS E 40 11.81 -42.25 13.02
C LYS E 40 10.72 -41.21 13.28
N GLN E 41 10.06 -40.80 12.22
CA GLN E 41 9.04 -39.77 12.33
C GLN E 41 7.76 -40.34 12.94
N ARG E 42 7.02 -39.48 13.65
CA ARG E 42 5.74 -39.88 14.21
C ARG E 42 4.75 -40.19 13.10
N GLU E 43 4.12 -41.35 13.19
CA GLU E 43 3.27 -41.87 12.14
C GLU E 43 1.96 -42.39 12.72
N LEU E 44 0.89 -42.20 11.95
CA LEU E 44 -0.42 -42.69 12.37
C LEU E 44 -0.49 -44.20 12.24
N VAL E 45 -1.32 -44.82 13.07
CA VAL E 45 -1.42 -46.27 13.11
C VAL E 45 -2.85 -46.69 12.78
N ALA E 46 -3.80 -46.28 13.61
CA ALA E 46 -5.20 -46.65 13.44
C ALA E 46 -6.07 -45.48 13.89
N ALA E 47 -7.13 -45.24 13.11
CA ALA E 47 -8.03 -44.13 13.40
C ALA E 47 -9.47 -44.63 13.40
N ILE E 48 -10.30 -44.00 14.22
CA ILE E 48 -11.71 -44.34 14.35
C ILE E 48 -12.53 -43.08 14.18
N THR E 49 -13.75 -43.26 13.68
CA THR E 49 -14.65 -42.14 13.41
C THR E 49 -15.45 -41.84 14.67
N ASP E 50 -16.47 -41.00 14.56
CA ASP E 50 -17.36 -40.69 15.67
C ASP E 50 -18.45 -41.76 15.68
N ASP E 51 -18.27 -42.76 16.53
CA ASP E 51 -19.20 -43.88 16.67
C ASP E 51 -19.36 -44.59 15.32
N GLY E 52 -18.27 -45.21 14.88
CA GLY E 52 -18.35 -45.97 13.65
C GLY E 52 -17.05 -46.38 12.99
N ILE E 53 -16.96 -46.10 11.69
CA ILE E 53 -15.95 -46.61 10.78
C ILE E 53 -14.53 -46.48 11.33
N THR E 54 -13.70 -47.50 11.10
CA THR E 54 -12.32 -47.51 11.53
C THR E 54 -11.44 -47.72 10.30
N ASN E 55 -10.17 -47.36 10.42
CA ASN E 55 -9.21 -47.54 9.33
C ASN E 55 -7.82 -47.76 9.91
N TYR E 56 -7.05 -48.64 9.27
CA TYR E 56 -5.76 -49.08 9.78
C TYR E 56 -4.66 -48.88 8.74
N ARG E 57 -3.44 -48.67 9.24
CA ARG E 57 -2.27 -48.65 8.37
C ARG E 57 -2.06 -50.02 7.74
N ASP E 58 -1.31 -50.05 6.63
CA ASP E 58 -1.06 -51.29 5.91
C ASP E 58 -0.35 -52.33 6.77
N THR E 59 0.71 -51.94 7.47
CA THR E 59 1.49 -52.89 8.24
C THR E 59 0.69 -53.46 9.41
N VAL E 60 0.02 -52.59 10.18
CA VAL E 60 -0.68 -53.03 11.38
C VAL E 60 -2.08 -53.53 11.09
N LYS E 61 -2.46 -53.68 9.82
CA LYS E 61 -3.80 -54.10 9.49
C LYS E 61 -3.99 -55.57 9.85
N GLY E 62 -5.09 -55.86 10.55
CA GLY E 62 -5.46 -57.21 10.91
C GLY E 62 -4.94 -57.68 12.25
N ARG E 63 -3.87 -57.06 12.76
CA ARG E 63 -3.33 -57.45 14.05
C ARG E 63 -3.85 -56.56 15.17
N PHE E 64 -4.18 -55.30 14.86
CA PHE E 64 -4.67 -54.34 15.84
C PHE E 64 -6.18 -54.24 15.74
N THR E 65 -6.80 -53.67 16.78
CA THR E 65 -8.23 -53.41 16.76
C THR E 65 -8.52 -52.20 17.64
N ILE E 66 -9.04 -51.14 17.04
CA ILE E 66 -9.37 -49.93 17.78
C ILE E 66 -10.86 -49.93 18.06
N SER E 67 -11.23 -49.40 19.23
CA SER E 67 -12.64 -49.31 19.61
C SER E 67 -12.86 -48.05 20.41
N ARG E 68 -14.10 -47.60 20.46
CA ARG E 68 -14.47 -46.38 21.15
C ARG E 68 -15.63 -46.63 22.10
N ASP E 69 -15.63 -45.93 23.23
CA ASP E 69 -16.73 -45.91 24.17
C ASP E 69 -17.10 -44.45 24.38
N ASN E 70 -18.26 -44.05 23.86
CA ASN E 70 -18.69 -42.66 23.95
C ASN E 70 -19.12 -42.27 25.36
N ALA E 71 -19.78 -43.18 26.08
CA ALA E 71 -20.28 -42.85 27.41
C ALA E 71 -19.14 -42.55 28.37
N LYS E 72 -18.22 -43.49 28.53
CA LYS E 72 -17.05 -43.32 29.39
C LYS E 72 -16.05 -42.33 28.80
N LYS E 73 -16.25 -41.90 27.57
CA LYS E 73 -15.32 -41.01 26.87
C LYS E 73 -13.92 -41.61 26.84
N ALA E 74 -13.81 -42.76 26.18
CA ALA E 74 -12.54 -43.47 26.15
C ALA E 74 -12.36 -44.11 24.78
N VAL E 75 -11.10 -44.32 24.42
CA VAL E 75 -10.75 -45.07 23.22
C VAL E 75 -9.74 -46.14 23.60
N TYR E 76 -9.85 -47.30 22.95
CA TYR E 76 -9.00 -48.44 23.24
C TYR E 76 -8.32 -48.90 21.96
N LEU E 77 -7.10 -49.40 22.11
CA LEU E 77 -6.36 -50.06 21.04
C LEU E 77 -5.89 -51.41 21.57
N GLN E 78 -6.44 -52.49 21.02
CA GLN E 78 -6.04 -53.84 21.36
C GLN E 78 -4.96 -54.29 20.38
N MET E 79 -3.78 -54.59 20.90
CA MET E 79 -2.65 -55.00 20.09
C MET E 79 -2.40 -56.48 20.30
N ASN E 80 -2.48 -57.26 19.22
CA ASN E 80 -2.22 -58.69 19.26
C ASN E 80 -1.12 -59.04 18.27
N SER E 81 -0.49 -60.19 18.50
CA SER E 81 0.58 -60.70 17.62
C SER E 81 1.67 -59.66 17.44
N LEU E 82 2.26 -59.25 18.56
CA LEU E 82 3.23 -58.16 18.53
C LEU E 82 4.53 -58.59 17.88
N LYS E 83 5.28 -57.61 17.38
CA LYS E 83 6.55 -57.80 16.70
C LYS E 83 7.55 -56.82 17.29
N PRO E 84 8.84 -57.11 17.24
CA PRO E 84 9.84 -56.20 17.82
C PRO E 84 9.84 -54.81 17.19
N GLU E 85 9.22 -54.68 16.01
CA GLU E 85 9.19 -53.38 15.35
C GLU E 85 8.25 -52.41 16.04
N ASP E 86 7.24 -52.92 16.75
CA ASP E 86 6.16 -52.08 17.25
C ASP E 86 6.52 -51.35 18.53
N THR E 87 7.80 -51.26 18.89
CA THR E 87 8.17 -50.54 20.10
C THR E 87 8.29 -49.05 19.84
N ALA E 88 7.53 -48.26 20.60
CA ALA E 88 7.49 -46.80 20.44
C ALA E 88 6.71 -46.15 21.57
N VAL E 89 6.52 -44.84 21.49
CA VAL E 89 5.64 -44.13 22.44
C VAL E 89 4.31 -43.91 21.71
N TYR E 90 3.25 -44.45 22.28
CA TYR E 90 1.94 -44.45 21.63
C TYR E 90 1.09 -43.29 22.16
N HIS E 91 1.12 -42.19 21.44
CA HIS E 91 0.27 -41.06 21.75
C HIS E 91 -1.12 -41.25 21.17
N CYS E 92 -2.06 -40.45 21.64
CA CYS E 92 -3.42 -40.43 21.12
C CYS E 92 -3.92 -39.00 21.09
N ASN E 93 -4.54 -38.61 19.98
CA ASN E 93 -5.30 -37.37 19.89
C ASN E 93 -6.05 -37.36 18.57
N THR E 94 -6.72 -36.23 18.31
CA THR E 94 -7.65 -36.13 17.20
C THR E 94 -6.98 -36.40 15.85
N VAL E 95 -7.78 -36.79 14.87
CA VAL E 95 -7.30 -37.08 13.52
C VAL E 95 -8.34 -36.64 12.51
N ARG E 96 -7.87 -36.08 11.39
CA ARG E 96 -8.78 -35.60 10.35
C ARG E 96 -8.83 -36.58 9.19
N ARG E 97 -10.04 -36.84 8.70
CA ARG E 97 -10.23 -37.68 7.51
C ARG E 97 -9.65 -39.06 7.72
N VAL E 98 -10.25 -39.85 8.61
CA VAL E 98 -9.79 -41.21 8.88
C VAL E 98 -9.74 -42.10 7.64
N ALA E 99 -10.39 -41.71 6.54
CA ALA E 99 -10.30 -42.48 5.31
C ALA E 99 -8.90 -42.40 4.74
N THR E 100 -8.41 -41.19 4.47
CA THR E 100 -7.05 -40.99 4.02
C THR E 100 -6.03 -41.14 5.15
N LEU E 101 -6.47 -41.05 6.40
CA LEU E 101 -5.60 -41.14 7.58
C LEU E 101 -4.62 -39.98 7.63
N SER E 102 -5.13 -38.76 7.56
CA SER E 102 -4.29 -37.58 7.66
C SER E 102 -4.30 -37.03 9.07
N GLY E 103 -3.19 -37.22 9.79
CA GLY E 103 -3.14 -36.80 11.17
C GLY E 103 -3.22 -35.30 11.34
N SER E 104 -3.33 -34.89 12.60
CA SER E 104 -3.45 -33.49 12.97
C SER E 104 -2.22 -33.08 13.77
N SER E 105 -1.43 -32.16 13.20
CA SER E 105 -0.31 -31.58 13.94
C SER E 105 -0.78 -30.43 14.82
N SER E 106 -2.07 -30.41 15.15
CA SER E 106 -2.75 -29.28 15.77
C SER E 106 -2.03 -28.67 16.96
N GLY E 107 -1.89 -29.44 18.05
CA GLY E 107 -1.40 -28.83 19.27
C GLY E 107 -0.53 -29.70 20.15
N SER E 108 -0.84 -29.72 21.44
CA SER E 108 0.00 -30.37 22.42
C SER E 108 -0.37 -31.84 22.56
N TRP E 109 0.62 -32.67 22.88
CA TRP E 109 0.43 -34.10 23.08
C TRP E 109 0.74 -34.45 24.52
N GLY E 110 0.17 -35.56 24.97
CA GLY E 110 0.46 -36.07 26.30
C GLY E 110 1.31 -37.33 26.25
N GLN E 111 2.51 -37.26 26.78
CA GLN E 111 3.38 -38.43 26.78
C GLN E 111 3.10 -39.32 27.97
N GLY E 112 2.33 -40.39 27.74
CA GLY E 112 1.93 -41.25 28.84
C GLY E 112 2.06 -42.74 28.60
N THR E 113 2.33 -43.14 27.36
CA THR E 113 2.38 -44.55 27.01
C THR E 113 3.71 -44.87 26.34
N GLN E 114 4.39 -45.89 26.87
CA GLN E 114 5.64 -46.39 26.31
C GLN E 114 5.57 -47.91 26.26
N VAL E 115 5.76 -48.47 25.06
CA VAL E 115 5.69 -49.91 24.85
C VAL E 115 7.07 -50.41 24.44
N THR E 116 7.48 -51.53 25.04
CA THR E 116 8.80 -52.11 24.79
C THR E 116 8.61 -53.61 24.61
N VAL E 117 8.49 -54.04 23.36
CA VAL E 117 8.38 -55.45 23.03
C VAL E 117 9.78 -56.04 22.93
N SER E 118 9.97 -57.22 23.50
CA SER E 118 11.28 -57.87 23.57
C SER E 118 11.31 -59.11 22.70
N SER E 119 12.52 -59.50 22.32
CA SER E 119 12.71 -60.67 21.46
C SER E 119 14.12 -61.24 21.63
#